data_9CF4
#
_entry.id   9CF4
#
_cell.length_a   82.383
_cell.length_b   94.102
_cell.length_c   219.984
_cell.angle_alpha   90.00
_cell.angle_beta   90.00
_cell.angle_gamma   90.00
#
_symmetry.space_group_name_H-M   'C 2 2 21'
#
loop_
_entity.id
_entity.type
_entity.pdbx_description
1 polymer Aminotransferase
2 polymer Aminotransferase
3 non-polymer GLYCEROL
4 non-polymer "PYRIDOXAL-5'-PHOSPHATE"
5 water water
#
loop_
_entity_poly.entity_id
_entity_poly.type
_entity_poly.pdbx_seq_one_letter_code
_entity_poly.pdbx_strand_id
1 'polypeptide(L)'
;MSQHQNLIDRDRKVTFHASTHLRDFAHGEAPGRVMAGGEGIHVVDKDGREFIDGFAGLYCVNIGYGRTEVAEAIHRQALE
LAYYHTYVGHSNEPQIQLSEKILELAGPGMSKVYYGMSGSDANETQLKIVRYYNNVLGRPQKKKVIARQRGYHGSGIASG
SLTGLKAFHDHFDLPIEGILHTEAPYYYHRGAEREGMSEREFSAHCAAKLEEMILAEGPETVAAFIGEPVLGTGGIVPPP
EGYWEAIQGVLAKYDVLLIADEVVCGFGRIGADFGSHHYAIKPDLITIA(LLP)GLTSAYQPLSGVIIGDRVWQVLEQGT
GEFGPIGHGWTYSGHALGCAAGLANLAIIEREGLTANAAETGAYLQQCMQQTFGEHPLVGEVRGVGMLAALEFSPAPARR
AFFDPALKVGPRVSAAAMSENLIARAMPQGDILGFAPPLVTTRAEVDEIVARAKRAVDKVTDELTRSGDLKAHHHHHH
;
A
2 'polypeptide(L)'
;MSQHQNLIDRDRKVTFHASTHLRDFAHGEAPGRVMAGGEGIHVVDKDGREFIDGFAGLYCVNIGYGRTEVAEAIHRQALE
LAYYHTYVGHSNEPQIQLSEKILELAGPGMSKVYYGMSGSDANETQLKIVRYYNNVLGRPQKKKVIARQRGYHGSGIASG
SLTGLKAFHDHFDLPIEGILHTEAPYYYHRGAEREGMSEREFSAHCAAKLEEMILAEGPETVAAFIGEPVLGTGGIVPPP
EGYWEAIQGVLAKYDVLLIADEVVCGFGRIGADFGSHHYAIKPDLITIAKGLTSAYQPLSGVIIGDRVWQVLEQGTGEFG
PIGHGWTYSGHALGCAAGLANLAIIEREGLTANAAETGAYLQQCMQQTFGEHPLVGEVRGVGMLAALEFSPAPARRAFFD
PALKVGPRVSAAAMSENLIARAMPQGDILGFAPPLVTTRAEVDEIVARAKRAVDKVTDELTRSGDLKAHHHHHH
;
B
#
# COMPACT_ATOMS: atom_id res chain seq x y z
N SER A 2 -34.04 11.01 2.01
CA SER A 2 -33.89 9.81 1.20
C SER A 2 -32.97 8.79 1.85
N GLN A 3 -33.04 7.55 1.35
CA GLN A 3 -32.06 6.55 1.73
C GLN A 3 -30.64 7.03 1.39
N HIS A 4 -30.48 7.69 0.25
CA HIS A 4 -29.16 8.20 -0.13
C HIS A 4 -28.62 9.15 0.94
N GLN A 5 -29.42 10.13 1.36
CA GLN A 5 -28.92 11.08 2.35
C GLN A 5 -28.76 10.43 3.72
N ASN A 6 -29.62 9.44 4.05
CA ASN A 6 -29.43 8.70 5.29
C ASN A 6 -28.10 7.95 5.30
N LEU A 7 -27.72 7.35 4.17
CA LEU A 7 -26.43 6.65 4.08
C LEU A 7 -25.27 7.63 4.22
N ILE A 8 -25.34 8.77 3.52
CA ILE A 8 -24.31 9.79 3.66
C ILE A 8 -24.18 10.21 5.13
N ASP A 9 -25.31 10.46 5.78
CA ASP A 9 -25.24 10.93 7.16
C ASP A 9 -24.64 9.88 8.09
N ARG A 10 -24.90 8.59 7.81
CA ARG A 10 -24.21 7.55 8.55
C ARG A 10 -22.70 7.62 8.31
N ASP A 11 -22.30 7.80 7.04
CA ASP A 11 -20.89 7.86 6.68
C ASP A 11 -20.19 9.03 7.35
N ARG A 12 -20.88 10.15 7.49
CA ARG A 12 -20.25 11.30 8.13
C ARG A 12 -19.76 10.99 9.53
N LYS A 13 -20.44 10.08 10.23
CA LYS A 13 -20.08 9.76 11.60
C LYS A 13 -18.91 8.80 11.72
N VAL A 14 -18.50 8.14 10.65
CA VAL A 14 -17.62 6.98 10.78
C VAL A 14 -16.43 6.96 9.84
N THR A 15 -16.42 7.65 8.69
CA THR A 15 -15.36 7.45 7.71
C THR A 15 -14.55 8.71 7.48
N PHE A 16 -13.21 8.57 7.51
CA PHE A 16 -12.23 9.57 7.06
C PHE A 16 -11.99 9.26 5.60
N HIS A 17 -12.41 10.17 4.73
CA HIS A 17 -12.23 10.01 3.30
C HIS A 17 -11.01 10.76 2.78
N ALA A 18 -10.37 10.14 1.79
CA ALA A 18 -9.32 10.82 1.03
C ALA A 18 -9.77 12.18 0.52
N SER A 19 -8.85 13.15 0.59
N SER A 19 -8.83 13.13 0.52
CA SER A 19 -9.01 14.43 -0.09
CA SER A 19 -9.02 14.44 -0.08
C SER A 19 -10.30 15.14 0.27
C SER A 19 -10.39 15.02 0.25
N THR A 20 -10.71 15.02 1.53
CA THR A 20 -12.00 15.53 2.00
C THR A 20 -11.78 16.59 3.07
N HIS A 21 -12.68 17.57 3.07
CA HIS A 21 -12.73 18.56 4.13
C HIS A 21 -13.29 17.87 5.36
N LEU A 22 -12.40 17.34 6.20
CA LEU A 22 -12.84 16.41 7.23
C LEU A 22 -13.83 17.05 8.19
N ARG A 23 -13.58 18.30 8.60
CA ARG A 23 -14.50 18.96 9.51
C ARG A 23 -15.86 19.18 8.85
N ASP A 24 -15.88 19.76 7.65
CA ASP A 24 -17.16 20.07 7.03
C ASP A 24 -17.95 18.80 6.70
N PHE A 25 -17.27 17.72 6.32
CA PHE A 25 -18.01 16.49 6.03
C PHE A 25 -18.58 15.87 7.31
N ALA A 26 -17.80 15.79 8.37
CA ALA A 26 -18.31 15.22 9.62
C ALA A 26 -19.48 16.02 10.18
N HIS A 27 -19.49 17.32 9.95
CA HIS A 27 -20.49 18.20 10.56
C HIS A 27 -21.65 18.55 9.62
N GLY A 28 -21.73 17.92 8.45
CA GLY A 28 -22.90 18.03 7.60
C GLY A 28 -22.87 19.16 6.59
N GLU A 29 -21.77 19.90 6.48
CA GLU A 29 -21.72 21.03 5.57
C GLU A 29 -21.17 20.68 4.19
N ALA A 30 -20.33 19.70 4.08
CA ALA A 30 -19.80 19.33 2.77
C ALA A 30 -20.62 18.19 2.19
N PRO A 31 -20.78 18.11 0.88
CA PRO A 31 -21.64 17.09 0.29
C PRO A 31 -20.96 15.72 0.24
N GLY A 32 -21.80 14.69 0.21
CA GLY A 32 -21.36 13.33 -0.03
C GLY A 32 -22.06 12.78 -1.26
N ARG A 33 -21.63 11.60 -1.68
CA ARG A 33 -22.35 10.88 -2.73
C ARG A 33 -22.00 9.40 -2.61
N VAL A 34 -23.03 8.56 -2.58
CA VAL A 34 -22.89 7.11 -2.52
C VAL A 34 -23.03 6.58 -3.95
N MET A 35 -21.96 5.99 -4.46
N MET A 35 -21.95 6.01 -4.48
CA MET A 35 -22.00 5.36 -5.78
CA MET A 35 -22.01 5.37 -5.79
C MET A 35 -22.43 3.90 -5.62
C MET A 35 -22.44 3.92 -5.63
N ALA A 36 -23.31 3.46 -6.52
CA ALA A 36 -23.97 2.18 -6.35
C ALA A 36 -23.93 1.26 -7.57
N GLY A 37 -23.73 1.77 -8.78
CA GLY A 37 -23.72 0.93 -9.95
C GLY A 37 -22.96 1.58 -11.09
N GLY A 38 -23.01 0.91 -12.23
CA GLY A 38 -22.43 1.46 -13.44
C GLY A 38 -22.18 0.40 -14.49
N GLU A 39 -22.13 0.86 -15.73
CA GLU A 39 -21.85 0.00 -16.87
C GLU A 39 -21.25 0.87 -17.96
N GLY A 40 -20.22 0.37 -18.61
CA GLY A 40 -19.64 1.10 -19.72
C GLY A 40 -18.90 2.31 -19.18
N ILE A 41 -19.22 3.51 -19.72
CA ILE A 41 -18.62 4.73 -19.24
C ILE A 41 -19.47 5.44 -18.20
N HIS A 42 -20.55 4.81 -17.74
CA HIS A 42 -21.47 5.44 -16.82
C HIS A 42 -21.34 4.87 -15.41
N VAL A 43 -21.48 5.75 -14.43
N VAL A 43 -21.52 5.75 -14.42
CA VAL A 43 -21.60 5.35 -13.03
CA VAL A 43 -21.59 5.39 -13.01
C VAL A 43 -22.92 5.90 -12.50
C VAL A 43 -22.91 5.93 -12.47
N VAL A 44 -23.49 5.20 -11.51
CA VAL A 44 -24.82 5.50 -11.01
C VAL A 44 -24.78 5.62 -9.49
N ASP A 45 -25.42 6.66 -8.96
CA ASP A 45 -25.44 6.86 -7.52
C ASP A 45 -26.63 6.13 -6.90
N LYS A 46 -26.76 6.24 -5.58
CA LYS A 46 -27.76 5.48 -4.85
C LYS A 46 -29.18 5.89 -5.23
N ASP A 47 -29.38 7.10 -5.77
CA ASP A 47 -30.70 7.51 -6.21
C ASP A 47 -31.01 7.04 -7.63
N GLY A 48 -30.05 6.42 -8.30
CA GLY A 48 -30.22 6.07 -9.69
C GLY A 48 -29.80 7.15 -10.66
N ARG A 49 -29.18 8.22 -10.17
CA ARG A 49 -28.72 9.29 -11.05
C ARG A 49 -27.47 8.82 -11.81
N GLU A 50 -27.52 8.92 -13.12
CA GLU A 50 -26.49 8.35 -13.98
C GLU A 50 -25.57 9.44 -14.52
N PHE A 51 -24.26 9.21 -14.40
CA PHE A 51 -23.24 10.14 -14.86
C PHE A 51 -22.37 9.49 -15.93
N ILE A 52 -22.01 10.27 -16.95
CA ILE A 52 -20.88 9.91 -17.79
C ILE A 52 -19.62 10.17 -16.97
N ASP A 53 -18.80 9.14 -16.75
CA ASP A 53 -17.59 9.31 -15.97
C ASP A 53 -16.45 9.63 -16.92
N GLY A 54 -16.27 10.93 -17.15
CA GLY A 54 -15.18 11.40 -17.97
C GLY A 54 -13.81 11.27 -17.36
N PHE A 55 -13.68 10.69 -16.17
CA PHE A 55 -12.39 10.51 -15.51
C PHE A 55 -12.09 9.04 -15.19
N ALA A 56 -12.97 8.11 -15.56
CA ALA A 56 -12.74 6.68 -15.35
C ALA A 56 -12.28 6.41 -13.90
N GLY A 57 -13.07 6.87 -12.95
CA GLY A 57 -12.67 6.76 -11.56
C GLY A 57 -11.60 7.79 -11.28
N LEU A 58 -10.38 7.33 -11.19
CA LEU A 58 -9.18 8.17 -11.14
C LEU A 58 -8.20 7.60 -12.16
N TYR A 59 -8.45 7.90 -13.44
CA TYR A 59 -7.62 7.41 -14.55
C TYR A 59 -7.48 5.90 -14.51
N CYS A 60 -8.51 5.16 -14.09
CA CYS A 60 -8.24 3.76 -13.83
C CYS A 60 -9.30 2.75 -14.27
N VAL A 61 -10.57 3.11 -14.46
CA VAL A 61 -11.58 2.14 -14.88
C VAL A 61 -11.50 2.03 -16.39
N ASN A 62 -10.40 1.47 -16.86
CA ASN A 62 -10.01 1.68 -18.26
C ASN A 62 -10.85 0.84 -19.20
N ILE A 63 -11.22 -0.38 -18.80
CA ILE A 63 -12.09 -1.21 -19.64
C ILE A 63 -13.56 -0.91 -19.42
N GLY A 64 -13.88 0.09 -18.60
CA GLY A 64 -15.27 0.44 -18.32
C GLY A 64 -15.82 -0.32 -17.13
N TYR A 65 -17.01 0.12 -16.70
CA TYR A 65 -17.70 -0.40 -15.54
C TYR A 65 -18.56 -1.62 -15.88
N GLY A 66 -18.80 -2.43 -14.85
CA GLY A 66 -19.76 -3.50 -14.99
C GLY A 66 -19.29 -4.70 -15.76
N ARG A 67 -17.99 -4.96 -15.77
CA ARG A 67 -17.43 -6.10 -16.49
C ARG A 67 -17.66 -7.39 -15.71
N THR A 68 -18.78 -8.06 -15.97
N THR A 68 -18.79 -8.04 -15.99
CA THR A 68 -19.04 -9.34 -15.33
CA THR A 68 -19.08 -9.34 -15.41
C THR A 68 -17.99 -10.38 -15.69
C THR A 68 -17.96 -10.33 -15.68
N GLU A 69 -17.33 -10.23 -16.85
CA GLU A 69 -16.25 -11.15 -17.19
C GLU A 69 -15.14 -11.10 -16.15
N VAL A 70 -14.81 -9.90 -15.66
CA VAL A 70 -13.77 -9.78 -14.65
C VAL A 70 -14.26 -10.31 -13.31
N ALA A 71 -15.51 -10.00 -12.95
CA ALA A 71 -16.06 -10.58 -11.73
C ALA A 71 -15.99 -12.10 -11.76
N GLU A 72 -16.30 -12.71 -12.91
CA GLU A 72 -16.29 -14.17 -13.00
C GLU A 72 -14.87 -14.72 -12.91
N ALA A 73 -13.90 -14.00 -13.47
CA ALA A 73 -12.50 -14.43 -13.32
C ALA A 73 -12.08 -14.42 -11.86
N ILE A 74 -12.43 -13.36 -11.14
CA ILE A 74 -12.12 -13.30 -9.72
C ILE A 74 -12.79 -14.45 -8.99
N HIS A 75 -14.06 -14.70 -9.31
CA HIS A 75 -14.81 -15.72 -8.58
C HIS A 75 -14.22 -17.11 -8.83
N ARG A 76 -13.89 -17.42 -10.08
CA ARG A 76 -13.30 -18.72 -10.37
C ARG A 76 -12.04 -18.93 -9.56
N GLN A 77 -11.19 -17.91 -9.47
CA GLN A 77 -9.98 -18.06 -8.67
C GLN A 77 -10.31 -18.15 -7.17
N ALA A 78 -11.33 -17.42 -6.70
CA ALA A 78 -11.68 -17.48 -5.29
C ALA A 78 -12.16 -18.86 -4.89
N LEU A 79 -12.81 -19.58 -5.80
CA LEU A 79 -13.24 -20.94 -5.48
C LEU A 79 -12.08 -21.93 -5.50
N GLU A 80 -10.90 -21.54 -5.99
CA GLU A 80 -9.71 -22.39 -5.93
C GLU A 80 -8.84 -22.01 -4.74
N LEU A 81 -8.26 -20.79 -4.79
CA LEU A 81 -7.46 -20.25 -3.69
C LEU A 81 -7.46 -18.73 -3.80
N ALA A 82 -8.07 -18.06 -2.83
CA ALA A 82 -8.10 -16.59 -2.84
C ALA A 82 -6.74 -16.01 -2.51
N TYR A 83 -6.02 -16.62 -1.56
CA TYR A 83 -4.77 -16.06 -1.06
C TYR A 83 -3.87 -17.13 -0.44
N TYR A 84 -2.59 -17.06 -0.78
CA TYR A 84 -1.49 -17.55 0.06
C TYR A 84 -0.37 -16.55 -0.15
N HIS A 85 0.58 -16.48 0.78
CA HIS A 85 1.65 -15.53 0.57
C HIS A 85 2.52 -15.96 -0.63
N THR A 86 3.27 -15.00 -1.17
CA THR A 86 4.20 -15.25 -2.26
C THR A 86 5.63 -14.92 -1.85
N TYR A 87 5.95 -15.18 -0.59
CA TYR A 87 7.29 -15.01 -0.04
C TYR A 87 8.09 -16.30 -0.28
N VAL A 88 9.41 -16.15 -0.24
CA VAL A 88 10.35 -17.26 -0.28
C VAL A 88 9.98 -18.22 -1.40
N GLY A 89 9.89 -17.70 -2.62
CA GLY A 89 9.66 -18.55 -3.77
C GLY A 89 8.27 -19.15 -3.92
N HIS A 90 7.33 -18.78 -3.05
CA HIS A 90 5.95 -19.24 -3.19
C HIS A 90 5.21 -18.39 -4.21
N SER A 91 4.32 -19.03 -4.96
CA SER A 91 3.62 -18.37 -6.05
C SER A 91 2.21 -18.93 -6.19
N ASN A 92 1.45 -18.32 -7.07
CA ASN A 92 0.19 -18.91 -7.53
C ASN A 92 0.17 -18.79 -9.05
N GLU A 93 -0.67 -19.64 -9.69
CA GLU A 93 -0.65 -19.69 -11.15
C GLU A 93 -1.03 -18.38 -11.81
N PRO A 94 -2.09 -17.67 -11.39
CA PRO A 94 -2.36 -16.35 -12.01
C PRO A 94 -1.21 -15.38 -11.91
N GLN A 95 -0.50 -15.36 -10.77
CA GLN A 95 0.63 -14.45 -10.62
C GLN A 95 1.72 -14.74 -11.64
N ILE A 96 2.03 -16.02 -11.85
CA ILE A 96 3.04 -16.41 -12.83
C ILE A 96 2.62 -15.98 -14.23
N GLN A 97 1.37 -16.29 -14.60
CA GLN A 97 0.88 -15.91 -15.92
C GLN A 97 0.91 -14.40 -16.10
N LEU A 98 0.54 -13.65 -15.06
CA LEU A 98 0.47 -12.20 -15.19
C LEU A 98 1.86 -11.59 -15.35
N SER A 99 2.85 -12.12 -14.64
CA SER A 99 4.21 -11.62 -14.81
C SER A 99 4.64 -11.77 -16.26
N GLU A 100 4.36 -12.92 -16.87
CA GLU A 100 4.66 -13.12 -18.29
C GLU A 100 3.97 -12.09 -19.18
N LYS A 101 2.69 -11.84 -18.95
CA LYS A 101 1.94 -10.91 -19.79
C LYS A 101 2.46 -9.48 -19.63
N ILE A 102 2.74 -9.07 -18.41
CA ILE A 102 3.27 -7.73 -18.18
C ILE A 102 4.57 -7.55 -18.93
N LEU A 103 5.48 -8.52 -18.80
CA LEU A 103 6.78 -8.39 -19.44
C LEU A 103 6.66 -8.40 -20.97
N GLU A 104 5.74 -9.20 -21.50
CA GLU A 104 5.52 -9.18 -22.94
C GLU A 104 5.14 -7.79 -23.41
N LEU A 105 4.27 -7.11 -22.64
CA LEU A 105 3.83 -5.77 -23.03
C LEU A 105 4.94 -4.75 -22.82
N ALA A 106 5.72 -4.89 -21.76
CA ALA A 106 6.72 -3.88 -21.45
C ALA A 106 7.86 -3.90 -22.44
N GLY A 107 8.25 -5.10 -22.87
CA GLY A 107 9.16 -5.24 -23.96
C GLY A 107 10.53 -5.72 -23.55
N PRO A 108 11.39 -5.86 -24.54
CA PRO A 108 12.77 -6.24 -24.25
C PRO A 108 13.41 -5.21 -23.34
N GLY A 109 14.29 -5.74 -22.52
CA GLY A 109 14.98 -4.93 -21.55
C GLY A 109 14.35 -5.00 -20.20
N MET A 110 13.14 -5.51 -20.07
CA MET A 110 12.51 -5.69 -18.76
C MET A 110 12.62 -7.15 -18.35
N SER A 111 12.90 -7.36 -17.06
CA SER A 111 13.27 -8.68 -16.56
C SER A 111 12.27 -9.31 -15.60
N LYS A 112 11.78 -8.58 -14.60
CA LYS A 112 11.00 -9.17 -13.52
C LYS A 112 9.92 -8.20 -13.06
N VAL A 113 8.91 -8.74 -12.37
CA VAL A 113 7.83 -7.97 -11.77
C VAL A 113 7.75 -8.27 -10.28
N TYR A 114 7.62 -7.21 -9.47
CA TYR A 114 7.32 -7.34 -8.04
C TYR A 114 5.95 -6.71 -7.77
N TYR A 115 5.08 -7.40 -7.02
CA TYR A 115 3.70 -6.98 -6.85
C TYR A 115 3.39 -6.31 -5.52
N GLY A 116 2.60 -5.25 -5.61
CA GLY A 116 1.98 -4.61 -4.47
C GLY A 116 0.52 -4.30 -4.74
N MET A 117 -0.01 -3.28 -4.07
N MET A 117 -0.03 -3.30 -4.06
CA MET A 117 -1.43 -2.98 -4.09
CA MET A 117 -1.44 -2.97 -4.16
C MET A 117 -1.78 -1.56 -4.52
C MET A 117 -1.70 -1.62 -4.78
N SER A 118 -0.81 -0.65 -4.56
CA SER A 118 -1.05 0.72 -4.94
C SER A 118 0.17 1.26 -5.68
N GLY A 119 -0.05 2.29 -6.50
CA GLY A 119 1.09 2.97 -7.10
C GLY A 119 2.03 3.55 -6.07
N SER A 120 1.48 4.02 -4.95
CA SER A 120 2.30 4.54 -3.87
C SER A 120 3.26 3.47 -3.34
N ASP A 121 2.75 2.27 -3.03
CA ASP A 121 3.62 1.22 -2.51
C ASP A 121 4.63 0.76 -3.55
N ALA A 122 4.27 0.82 -4.84
CA ALA A 122 5.21 0.47 -5.89
C ALA A 122 6.37 1.45 -5.89
N ASN A 123 6.10 2.74 -5.66
CA ASN A 123 7.20 3.70 -5.58
C ASN A 123 7.99 3.59 -4.28
N GLU A 124 7.38 3.15 -3.18
CA GLU A 124 8.17 2.77 -2.01
C GLU A 124 9.18 1.69 -2.38
N THR A 125 8.70 0.68 -3.12
CA THR A 125 9.59 -0.40 -3.56
C THR A 125 10.70 0.15 -4.46
N GLN A 126 10.36 1.05 -5.39
CA GLN A 126 11.38 1.62 -6.26
C GLN A 126 12.49 2.26 -5.44
N LEU A 127 12.13 3.03 -4.42
CA LEU A 127 13.14 3.73 -3.63
C LEU A 127 14.03 2.73 -2.90
N LYS A 128 13.45 1.67 -2.35
CA LYS A 128 14.29 0.65 -1.72
C LYS A 128 15.24 0.00 -2.73
N ILE A 129 14.74 -0.28 -3.93
CA ILE A 129 15.58 -0.87 -4.98
C ILE A 129 16.75 0.05 -5.33
N VAL A 130 16.50 1.34 -5.49
CA VAL A 130 17.55 2.30 -5.83
C VAL A 130 18.64 2.34 -4.76
N ARG A 131 18.25 2.35 -3.51
CA ARG A 131 19.20 2.36 -2.41
C ARG A 131 20.02 1.06 -2.38
N TYR A 132 19.35 -0.07 -2.49
CA TYR A 132 20.01 -1.36 -2.47
C TYR A 132 20.99 -1.49 -3.63
N TYR A 133 20.54 -1.08 -4.82
CA TYR A 133 21.37 -1.12 -6.03
C TYR A 133 22.72 -0.44 -5.79
N ASN A 134 22.68 0.78 -5.27
CA ASN A 134 23.92 1.52 -5.08
C ASN A 134 24.74 1.02 -3.90
N ASN A 135 24.11 0.53 -2.85
CA ASN A 135 24.89 -0.08 -1.78
C ASN A 135 25.61 -1.34 -2.27
N VAL A 136 24.92 -2.17 -3.05
CA VAL A 136 25.56 -3.38 -3.57
C VAL A 136 26.74 -3.04 -4.47
N LEU A 137 26.62 -1.99 -5.27
CA LEU A 137 27.67 -1.57 -6.17
C LEU A 137 28.83 -0.85 -5.47
N GLY A 138 28.73 -0.65 -4.16
CA GLY A 138 29.77 0.07 -3.45
C GLY A 138 29.77 1.56 -3.68
N ARG A 139 28.59 2.16 -3.86
CA ARG A 139 28.42 3.59 -4.08
C ARG A 139 27.50 4.13 -2.99
N PRO A 140 27.96 4.11 -1.74
CA PRO A 140 27.08 4.48 -0.63
C PRO A 140 26.55 5.91 -0.68
N GLN A 141 27.24 6.82 -1.35
CA GLN A 141 26.73 8.18 -1.45
C GLN A 141 25.73 8.37 -2.58
N LYS A 142 25.63 7.43 -3.53
CA LYS A 142 24.82 7.63 -4.73
C LYS A 142 23.39 7.22 -4.41
N LYS A 143 22.64 8.18 -3.88
CA LYS A 143 21.35 7.88 -3.26
C LYS A 143 20.27 8.91 -3.51
N LYS A 144 20.57 10.14 -3.92
CA LYS A 144 19.53 11.14 -4.07
C LYS A 144 18.63 10.79 -5.24
N VAL A 145 17.34 11.10 -5.10
CA VAL A 145 16.36 10.86 -6.14
C VAL A 145 15.74 12.19 -6.55
N ILE A 146 15.72 12.44 -7.85
CA ILE A 146 15.20 13.67 -8.43
C ILE A 146 13.83 13.38 -9.04
N ALA A 147 12.81 14.05 -8.53
CA ALA A 147 11.48 14.12 -9.13
C ALA A 147 11.30 15.54 -9.70
N ARG A 148 10.06 15.86 -10.05
CA ARG A 148 9.77 17.13 -10.70
C ARG A 148 8.64 17.86 -10.01
N GLN A 149 8.74 19.20 -10.00
CA GLN A 149 7.60 20.00 -9.61
C GLN A 149 6.38 19.55 -10.42
N ARG A 150 5.25 19.39 -9.74
CA ARG A 150 3.96 18.97 -10.29
C ARG A 150 3.90 17.50 -10.70
N GLY A 151 4.94 16.71 -10.48
CA GLY A 151 4.81 15.27 -10.61
C GLY A 151 3.90 14.71 -9.54
N TYR A 152 3.33 13.53 -9.82
CA TYR A 152 2.52 12.82 -8.83
C TYR A 152 2.95 11.37 -8.79
N HIS A 153 3.40 10.93 -7.61
CA HIS A 153 3.99 9.61 -7.41
C HIS A 153 3.41 8.89 -6.20
N GLY A 154 2.35 9.42 -5.61
CA GLY A 154 1.72 8.77 -4.47
C GLY A 154 1.61 9.71 -3.28
N SER A 155 1.12 9.14 -2.16
CA SER A 155 0.59 9.90 -1.04
C SER A 155 1.07 9.40 0.32
N GLY A 156 2.16 8.66 0.37
CA GLY A 156 2.78 8.26 1.61
C GLY A 156 3.86 9.23 2.06
N ILE A 157 4.74 8.75 2.93
CA ILE A 157 5.86 9.60 3.39
C ILE A 157 6.90 9.72 2.28
N ALA A 158 7.48 8.59 1.85
CA ALA A 158 8.48 8.64 0.79
C ALA A 158 7.82 8.85 -0.58
N SER A 159 6.76 8.11 -0.89
CA SER A 159 6.10 8.30 -2.18
C SER A 159 5.55 9.72 -2.30
N GLY A 160 5.00 10.27 -1.22
CA GLY A 160 4.50 11.63 -1.27
C GLY A 160 5.60 12.67 -1.31
N SER A 161 6.79 12.34 -0.83
CA SER A 161 7.97 13.19 -1.00
C SER A 161 8.34 13.30 -2.47
N LEU A 162 8.25 12.20 -3.21
CA LEU A 162 8.49 12.21 -4.66
C LEU A 162 7.48 13.11 -5.38
N THR A 163 6.21 13.01 -5.02
CA THR A 163 5.19 13.92 -5.54
C THR A 163 5.64 15.36 -5.38
N GLY A 164 5.32 16.16 -6.40
CA GLY A 164 5.73 17.55 -6.45
C GLY A 164 4.59 18.55 -6.37
N LEU A 165 3.54 18.19 -5.64
CA LEU A 165 2.38 19.03 -5.43
C LEU A 165 2.24 19.35 -3.96
N LYS A 166 1.94 20.62 -3.67
CA LYS A 166 1.99 21.14 -2.30
C LYS A 166 1.06 20.38 -1.35
N ALA A 167 -0.10 19.94 -1.84
CA ALA A 167 -1.08 19.33 -0.94
C ALA A 167 -0.53 18.11 -0.24
N PHE A 168 0.42 17.43 -0.87
CA PHE A 168 0.99 16.19 -0.33
C PHE A 168 2.22 16.43 0.53
N HIS A 169 2.64 17.70 0.67
CA HIS A 169 3.79 18.07 1.47
C HIS A 169 3.42 18.97 2.64
N ASP A 170 2.62 20.00 2.40
CA ASP A 170 2.33 21.01 3.40
C ASP A 170 1.68 20.34 4.61
N HIS A 171 2.13 20.71 5.80
CA HIS A 171 1.64 20.21 7.08
C HIS A 171 2.13 18.79 7.36
N PHE A 172 2.88 18.17 6.46
CA PHE A 172 3.39 16.82 6.67
C PHE A 172 4.91 16.75 6.77
N ASP A 173 5.60 17.88 6.71
CA ASP A 173 7.05 17.93 6.81
C ASP A 173 7.76 17.16 5.68
N LEU A 174 7.17 17.16 4.48
CA LEU A 174 7.74 16.49 3.32
C LEU A 174 8.25 17.53 2.33
N PRO A 175 9.24 17.20 1.48
CA PRO A 175 9.84 15.87 1.36
C PRO A 175 10.86 15.50 2.42
N ILE A 176 11.01 14.19 2.61
CA ILE A 176 12.09 13.66 3.42
C ILE A 176 13.44 13.97 2.77
N GLU A 177 14.43 13.84 3.41
CA GLU A 177 15.81 13.93 2.97
C GLU A 177 16.11 12.85 1.94
N GLY A 178 16.92 13.69 0.93
CA GLY A 178 17.41 12.92 -0.21
C GLY A 178 16.55 12.96 -1.45
N ILE A 179 15.43 13.66 -1.41
CA ILE A 179 14.49 13.75 -2.53
C ILE A 179 14.45 15.21 -2.96
N LEU A 180 14.68 15.44 -4.25
CA LEU A 180 14.80 16.78 -4.81
C LEU A 180 13.78 16.93 -5.93
N HIS A 181 13.47 18.18 -6.30
CA HIS A 181 12.50 18.45 -7.35
C HIS A 181 13.05 19.45 -8.35
N THR A 182 13.17 19.00 -9.61
CA THR A 182 13.59 19.87 -10.71
C THR A 182 12.35 20.45 -11.39
N GLU A 183 12.54 21.06 -12.58
CA GLU A 183 11.52 21.89 -13.19
C GLU A 183 10.27 21.10 -13.57
N ALA A 184 9.10 21.74 -13.46
CA ALA A 184 7.88 21.16 -13.97
C ALA A 184 7.97 21.06 -15.48
N PRO A 185 7.62 19.93 -16.08
CA PRO A 185 7.67 19.78 -17.55
C PRO A 185 6.41 20.34 -18.19
N TYR A 186 6.22 21.67 -18.05
CA TYR A 186 4.92 22.32 -18.17
C TYR A 186 5.11 23.65 -18.90
N TYR A 187 5.08 23.55 -20.23
CA TYR A 187 5.41 24.67 -21.10
C TYR A 187 4.48 25.86 -20.88
N TYR A 188 3.18 25.60 -20.72
CA TYR A 188 2.20 26.68 -20.57
C TYR A 188 2.41 27.47 -19.29
N HIS A 189 3.15 26.93 -18.32
CA HIS A 189 3.44 27.65 -17.08
C HIS A 189 4.82 28.31 -17.07
N ARG A 190 5.51 28.34 -18.20
CA ARG A 190 6.79 29.02 -18.26
C ARG A 190 6.63 30.49 -17.90
N GLY A 191 7.69 31.07 -17.39
CA GLY A 191 7.62 32.46 -16.95
C GLY A 191 7.29 33.42 -18.07
N ALA A 192 6.71 34.55 -17.69
CA ALA A 192 6.44 35.61 -18.67
C ALA A 192 7.69 35.97 -19.46
N GLU A 193 8.85 35.96 -18.79
CA GLU A 193 10.10 36.30 -19.47
C GLU A 193 10.47 35.28 -20.54
N ARG A 194 9.88 34.10 -20.50
CA ARG A 194 10.17 33.03 -21.46
C ARG A 194 9.03 32.82 -22.45
N GLU A 195 8.20 33.85 -22.66
CA GLU A 195 7.09 33.75 -23.60
C GLU A 195 7.59 33.33 -24.97
N GLY A 196 8.73 33.86 -25.40
CA GLY A 196 9.24 33.63 -26.73
C GLY A 196 9.87 32.27 -26.94
N MET A 197 10.06 31.51 -25.89
CA MET A 197 10.64 30.18 -26.02
C MET A 197 9.71 29.25 -26.77
N SER A 198 10.26 28.49 -27.71
CA SER A 198 9.55 27.37 -28.29
C SER A 198 9.54 26.21 -27.31
N GLU A 199 8.70 25.21 -27.60
CA GLU A 199 8.70 24.02 -26.77
C GLU A 199 10.10 23.41 -26.69
N ARG A 200 10.80 23.36 -27.82
CA ARG A 200 12.12 22.72 -27.83
C ARG A 200 13.12 23.51 -27.00
N GLU A 201 13.04 24.84 -27.06
CA GLU A 201 13.89 25.67 -26.22
C GLU A 201 13.56 25.46 -24.75
N PHE A 202 12.27 25.28 -24.45
CA PHE A 202 11.87 25.02 -23.08
C PHE A 202 12.40 23.66 -22.59
N SER A 203 12.32 22.65 -23.45
CA SER A 203 12.90 21.36 -23.12
C SER A 203 14.40 21.48 -22.86
N ALA A 204 15.10 22.27 -23.67
CA ALA A 204 16.53 22.48 -23.43
C ALA A 204 16.77 23.13 -22.09
N HIS A 205 15.92 24.09 -21.72
CA HIS A 205 16.00 24.73 -20.42
C HIS A 205 15.81 23.72 -19.30
N CYS A 206 14.80 22.86 -19.43
CA CYS A 206 14.58 21.82 -18.42
C CYS A 206 15.78 20.90 -18.28
N ALA A 207 16.36 20.48 -19.40
CA ALA A 207 17.52 19.59 -19.34
C ALA A 207 18.72 20.30 -18.71
N ALA A 208 18.92 21.58 -19.04
CA ALA A 208 20.01 22.35 -18.44
C ALA A 208 19.84 22.46 -16.93
N LYS A 209 18.61 22.71 -16.46
CA LYS A 209 18.39 22.84 -15.02
C LYS A 209 18.62 21.51 -14.31
N LEU A 210 18.22 20.41 -14.95
CA LEU A 210 18.52 19.07 -14.39
C LEU A 210 20.01 18.86 -14.28
N GLU A 211 20.77 19.19 -15.33
CA GLU A 211 22.21 19.02 -15.27
C GLU A 211 22.82 19.90 -14.19
N GLU A 212 22.34 21.15 -14.08
CA GLU A 212 22.85 22.04 -13.03
C GLU A 212 22.60 21.46 -11.66
N MET A 213 21.41 20.87 -11.46
CA MET A 213 21.09 20.28 -10.16
C MET A 213 22.04 19.12 -9.86
N ILE A 214 22.26 18.25 -10.85
CA ILE A 214 23.15 17.11 -10.65
C ILE A 214 24.56 17.59 -10.30
N LEU A 215 25.04 18.62 -11.00
CA LEU A 215 26.40 19.12 -10.74
C LEU A 215 26.50 19.81 -9.37
N ALA A 216 25.46 20.54 -8.97
CA ALA A 216 25.49 21.23 -7.68
C ALA A 216 25.46 20.24 -6.54
N GLU A 217 24.72 19.14 -6.70
CA GLU A 217 24.63 18.11 -5.68
C GLU A 217 25.85 17.21 -5.66
N GLY A 218 26.55 17.11 -6.80
CA GLY A 218 27.62 16.15 -6.98
C GLY A 218 27.05 14.91 -7.65
N PRO A 219 27.46 14.64 -8.90
CA PRO A 219 26.88 13.48 -9.60
C PRO A 219 27.04 12.18 -8.85
N GLU A 220 28.13 12.06 -8.07
CA GLU A 220 28.35 10.85 -7.31
C GLU A 220 27.31 10.65 -6.21
N THR A 221 26.47 11.65 -5.93
CA THR A 221 25.43 11.54 -4.91
C THR A 221 24.04 11.35 -5.49
N VAL A 222 23.88 11.34 -6.82
CA VAL A 222 22.56 11.31 -7.44
C VAL A 222 22.34 9.94 -8.06
N ALA A 223 21.31 9.24 -7.56
CA ALA A 223 21.04 7.87 -7.95
C ALA A 223 20.00 7.73 -9.04
N ALA A 224 18.93 8.52 -8.99
CA ALA A 224 17.79 8.23 -9.86
C ALA A 224 16.98 9.48 -10.12
N PHE A 225 16.23 9.43 -11.21
CA PHE A 225 15.25 10.43 -11.63
C PHE A 225 13.96 9.67 -11.90
N ILE A 226 12.84 10.20 -11.42
CA ILE A 226 11.53 9.58 -11.63
C ILE A 226 10.64 10.58 -12.35
N GLY A 227 9.91 10.10 -13.34
CA GLY A 227 8.93 10.91 -14.02
C GLY A 227 7.83 10.13 -14.69
N GLU A 228 6.61 10.69 -14.67
CA GLU A 228 5.53 10.24 -15.52
C GLU A 228 5.81 10.69 -16.95
N PRO A 229 5.51 9.86 -17.95
CA PRO A 229 5.71 10.33 -19.32
C PRO A 229 4.93 11.59 -19.61
N VAL A 230 3.68 11.61 -19.17
CA VAL A 230 2.74 12.73 -19.24
C VAL A 230 2.32 13.02 -17.80
N LEU A 231 2.33 14.30 -17.40
CA LEU A 231 1.83 14.59 -16.04
C LEU A 231 0.35 14.26 -15.95
N GLY A 232 -0.01 13.49 -14.91
CA GLY A 232 -1.41 13.21 -14.64
C GLY A 232 -2.02 14.21 -13.69
N THR A 233 -1.96 13.90 -12.40
CA THR A 233 -2.60 14.73 -11.39
C THR A 233 -2.05 16.14 -11.37
N GLY A 234 -0.79 16.32 -11.79
CA GLY A 234 -0.17 17.62 -11.92
C GLY A 234 -0.68 18.48 -13.05
N GLY A 235 -1.61 18.00 -13.87
CA GLY A 235 -2.29 18.87 -14.83
C GLY A 235 -2.67 18.31 -16.19
N ILE A 236 -2.43 17.01 -16.42
CA ILE A 236 -2.66 16.38 -17.72
C ILE A 236 -1.84 17.14 -18.76
N VAL A 237 -0.53 16.96 -18.69
CA VAL A 237 0.42 17.80 -19.41
C VAL A 237 1.33 16.89 -20.25
N PRO A 238 1.09 16.75 -21.54
CA PRO A 238 2.04 16.05 -22.39
C PRO A 238 3.39 16.76 -22.35
N PRO A 239 4.49 16.02 -22.53
CA PRO A 239 5.80 16.67 -22.43
C PRO A 239 6.04 17.59 -23.62
N PRO A 240 6.81 18.65 -23.42
CA PRO A 240 7.14 19.55 -24.55
C PRO A 240 8.06 18.86 -25.55
N GLU A 241 8.01 19.34 -26.79
CA GLU A 241 8.80 18.76 -27.87
C GLU A 241 10.28 18.67 -27.47
N GLY A 242 10.87 17.50 -27.66
CA GLY A 242 12.26 17.28 -27.39
C GLY A 242 12.60 16.93 -25.95
N TYR A 243 11.62 16.91 -25.06
CA TYR A 243 11.88 16.82 -23.63
C TYR A 243 12.56 15.51 -23.26
N TRP A 244 11.96 14.38 -23.61
CA TRP A 244 12.47 13.10 -23.12
C TRP A 244 13.83 12.77 -23.69
N GLU A 245 14.10 13.21 -24.92
CA GLU A 245 15.44 12.97 -25.48
C GLU A 245 16.48 13.79 -24.75
N ALA A 246 16.17 15.06 -24.45
CA ALA A 246 17.13 15.91 -23.76
C ALA A 246 17.37 15.42 -22.34
N ILE A 247 16.30 15.06 -21.63
CA ILE A 247 16.44 14.59 -20.25
C ILE A 247 17.27 13.31 -20.21
N GLN A 248 16.95 12.36 -21.09
CA GLN A 248 17.68 11.10 -21.08
C GLN A 248 19.16 11.27 -21.36
N GLY A 249 19.54 12.25 -22.19
CA GLY A 249 20.95 12.48 -22.44
C GLY A 249 21.69 12.94 -21.19
N VAL A 250 21.04 13.77 -20.38
CA VAL A 250 21.66 14.21 -19.14
C VAL A 250 21.78 13.06 -18.15
N LEU A 251 20.72 12.26 -18.01
CA LEU A 251 20.76 11.14 -17.06
C LEU A 251 21.87 10.17 -17.43
N ALA A 252 22.03 9.89 -18.72
CA ALA A 252 23.07 8.96 -19.13
C ALA A 252 24.46 9.51 -18.86
N LYS A 253 24.64 10.82 -19.05
CA LYS A 253 25.94 11.46 -18.84
C LYS A 253 26.43 11.25 -17.42
N TYR A 254 25.51 11.20 -16.44
CA TYR A 254 25.87 11.13 -15.03
C TYR A 254 25.50 9.80 -14.41
N ASP A 255 25.19 8.80 -15.23
CA ASP A 255 24.89 7.45 -14.74
C ASP A 255 23.78 7.50 -13.69
N VAL A 256 22.67 8.13 -14.04
CA VAL A 256 21.51 8.26 -13.16
C VAL A 256 20.40 7.35 -13.68
N LEU A 257 19.88 6.50 -12.80
CA LEU A 257 18.79 5.60 -13.15
C LEU A 257 17.53 6.40 -13.52
N LEU A 258 16.74 5.83 -14.43
CA LEU A 258 15.50 6.44 -14.88
C LEU A 258 14.33 5.54 -14.50
N ILE A 259 13.44 6.07 -13.66
CA ILE A 259 12.21 5.40 -13.27
C ILE A 259 11.08 6.04 -14.03
N ALA A 260 10.42 5.27 -14.89
CA ALA A 260 9.23 5.75 -15.59
C ALA A 260 8.01 5.38 -14.75
N ASP A 261 7.27 6.38 -14.27
CA ASP A 261 6.05 6.14 -13.50
C ASP A 261 4.89 6.04 -14.49
N GLU A 262 4.50 4.80 -14.82
CA GLU A 262 3.47 4.51 -15.79
C GLU A 262 2.13 4.21 -15.15
N VAL A 263 1.92 4.64 -13.91
CA VAL A 263 0.66 4.32 -13.24
C VAL A 263 -0.55 4.83 -14.04
N VAL A 264 -0.48 6.05 -14.56
CA VAL A 264 -1.57 6.53 -15.40
C VAL A 264 -1.41 6.05 -16.85
N CYS A 265 -0.21 6.20 -17.43
CA CYS A 265 -0.08 5.97 -18.87
C CYS A 265 -0.07 4.50 -19.27
N GLY A 266 0.14 3.59 -18.33
CA GLY A 266 0.30 2.20 -18.68
C GLY A 266 -0.97 1.56 -19.21
N PHE A 267 -0.77 0.54 -20.04
CA PHE A 267 -1.85 -0.34 -20.50
C PHE A 267 -2.89 0.40 -21.34
N GLY A 268 -2.42 1.25 -22.24
CA GLY A 268 -3.22 1.73 -23.36
C GLY A 268 -3.66 3.16 -23.28
N ARG A 269 -3.45 3.83 -22.14
CA ARG A 269 -4.14 5.10 -21.87
C ARG A 269 -3.88 6.16 -22.93
N ILE A 270 -2.65 6.25 -23.47
CA ILE A 270 -2.37 7.29 -24.45
C ILE A 270 -2.21 6.71 -25.85
N GLY A 271 -2.73 5.50 -26.08
CA GLY A 271 -2.70 4.92 -27.40
C GLY A 271 -1.52 4.01 -27.67
N ALA A 272 -0.71 3.73 -26.65
CA ALA A 272 0.42 2.84 -26.73
C ALA A 272 0.35 1.91 -25.52
N ASP A 273 1.12 0.83 -25.56
CA ASP A 273 1.11 -0.08 -24.42
C ASP A 273 1.63 0.62 -23.16
N PHE A 274 2.64 1.48 -23.31
CA PHE A 274 3.17 2.32 -22.25
C PHE A 274 3.48 3.69 -22.82
N GLY A 275 3.40 4.73 -21.96
CA GLY A 275 3.78 6.05 -22.42
C GLY A 275 5.23 6.10 -22.82
N SER A 276 6.07 5.30 -22.16
CA SER A 276 7.49 5.23 -22.53
C SER A 276 7.66 4.81 -23.98
N HIS A 277 6.81 3.91 -24.48
CA HIS A 277 6.94 3.49 -25.87
C HIS A 277 6.63 4.65 -26.80
N HIS A 278 5.60 5.41 -26.47
CA HIS A 278 5.17 6.52 -27.31
C HIS A 278 6.22 7.61 -27.41
N TYR A 279 6.90 7.92 -26.29
CA TYR A 279 7.86 9.01 -26.20
C TYR A 279 9.32 8.56 -26.29
N ALA A 280 9.57 7.30 -26.61
CA ALA A 280 10.93 6.77 -26.75
C ALA A 280 11.73 6.94 -25.46
N ILE A 281 11.11 6.62 -24.36
CA ILE A 281 11.76 6.59 -23.06
C ILE A 281 12.25 5.18 -22.81
N LYS A 282 13.49 5.05 -22.33
CA LYS A 282 14.11 3.75 -22.05
C LYS A 282 14.42 3.67 -20.56
N PRO A 283 13.41 3.38 -19.74
CA PRO A 283 13.63 3.37 -18.29
C PRO A 283 14.36 2.12 -17.82
N ASP A 284 14.98 2.27 -16.64
CA ASP A 284 15.57 1.16 -15.91
C ASP A 284 14.58 0.44 -15.02
N LEU A 285 13.52 1.14 -14.59
CA LEU A 285 12.52 0.68 -13.64
C LEU A 285 11.20 1.31 -14.07
N ILE A 286 10.11 0.58 -13.91
CA ILE A 286 8.77 1.05 -14.29
C ILE A 286 7.79 0.81 -13.14
N THR A 287 6.99 1.83 -12.82
CA THR A 287 5.90 1.72 -11.85
C THR A 287 4.57 1.55 -12.59
N ILE A 288 3.76 0.58 -12.16
CA ILE A 288 2.44 0.33 -12.74
C ILE A 288 1.40 0.13 -11.64
N ALA A 289 0.16 0.50 -11.98
CA ALA A 289 -1.04 0.21 -11.20
C ALA A 289 -2.25 0.56 -12.07
N GLY A 291 -4.60 1.05 -14.60
CA GLY A 291 -5.03 0.30 -15.78
C GLY A 291 -4.52 -1.12 -15.83
N LEU A 292 -3.64 -1.52 -14.90
CA LEU A 292 -3.23 -2.92 -14.81
C LEU A 292 -4.41 -3.85 -14.53
N THR A 293 -5.35 -3.42 -13.68
CA THR A 293 -6.55 -4.20 -13.38
C THR A 293 -7.83 -3.45 -13.69
N SER A 294 -7.75 -2.22 -14.22
CA SER A 294 -8.92 -1.34 -14.37
C SER A 294 -9.65 -1.15 -13.05
N ALA A 295 -8.90 -1.22 -11.96
CA ALA A 295 -9.39 -1.01 -10.59
C ALA A 295 -10.31 -2.12 -10.09
N TYR A 296 -10.46 -3.23 -10.84
CA TYR A 296 -11.35 -4.29 -10.35
C TYR A 296 -10.78 -4.95 -9.11
N GLN A 297 -9.45 -4.96 -8.97
CA GLN A 297 -8.78 -5.35 -7.74
C GLN A 297 -7.61 -4.39 -7.53
N PRO A 298 -7.22 -4.14 -6.28
CA PRO A 298 -6.01 -3.33 -6.04
C PRO A 298 -4.78 -4.14 -6.37
N LEU A 299 -3.97 -3.67 -7.30
CA LEU A 299 -2.75 -4.34 -7.69
C LEU A 299 -1.78 -3.28 -8.24
N SER A 300 -0.51 -3.42 -7.88
CA SER A 300 0.55 -2.57 -8.43
C SER A 300 1.72 -3.46 -8.81
N GLY A 301 2.61 -2.89 -9.59
CA GLY A 301 3.82 -3.59 -9.99
C GLY A 301 5.00 -2.66 -10.09
N VAL A 302 6.18 -3.22 -9.83
CA VAL A 302 7.46 -2.67 -10.23
C VAL A 302 8.00 -3.60 -11.31
N ILE A 303 8.32 -3.05 -12.47
CA ILE A 303 8.99 -3.82 -13.51
C ILE A 303 10.46 -3.44 -13.45
N ILE A 304 11.30 -4.46 -13.26
CA ILE A 304 12.74 -4.26 -13.04
C ILE A 304 13.45 -4.60 -14.34
N GLY A 305 14.22 -3.64 -14.86
CA GLY A 305 14.99 -3.87 -16.06
C GLY A 305 16.18 -4.79 -15.87
N ASP A 306 16.78 -5.18 -16.99
CA ASP A 306 17.88 -6.13 -16.97
C ASP A 306 19.04 -5.63 -16.12
N ARG A 307 19.43 -4.35 -16.29
CA ARG A 307 20.61 -3.83 -15.61
C ARG A 307 20.44 -3.87 -14.09
N VAL A 308 19.32 -3.37 -13.60
CA VAL A 308 19.10 -3.38 -12.16
C VAL A 308 18.96 -4.81 -11.64
N TRP A 309 18.26 -5.67 -12.41
CA TRP A 309 18.06 -7.04 -11.96
C TRP A 309 19.40 -7.74 -11.72
N GLN A 310 20.34 -7.52 -12.58
CA GLN A 310 21.65 -8.14 -12.41
C GLN A 310 22.28 -7.78 -11.09
N VAL A 311 22.13 -6.55 -10.67
CA VAL A 311 22.69 -6.10 -9.40
C VAL A 311 21.86 -6.63 -8.23
N LEU A 312 20.54 -6.78 -8.39
CA LEU A 312 19.74 -7.45 -7.36
C LEU A 312 20.19 -8.90 -7.17
N GLU A 313 20.56 -9.58 -8.27
CA GLU A 313 21.11 -10.92 -8.14
C GLU A 313 22.45 -10.88 -7.41
N GLN A 314 23.31 -9.93 -7.77
CA GLN A 314 24.60 -9.83 -7.10
C GLN A 314 24.43 -9.58 -5.61
N GLY A 315 23.53 -8.66 -5.25
CA GLY A 315 23.33 -8.33 -3.85
C GLY A 315 22.79 -9.50 -3.04
N THR A 316 21.79 -10.21 -3.58
CA THR A 316 21.26 -11.35 -2.83
C THR A 316 22.27 -12.48 -2.76
N GLY A 317 23.12 -12.62 -3.78
CA GLY A 317 24.22 -13.56 -3.68
C GLY A 317 25.13 -13.25 -2.52
N GLU A 318 25.40 -11.96 -2.27
CA GLU A 318 26.29 -11.56 -1.19
C GLU A 318 25.59 -11.56 0.17
N PHE A 319 24.32 -11.14 0.23
CA PHE A 319 23.68 -10.81 1.50
C PHE A 319 22.47 -11.67 1.84
N GLY A 320 21.98 -12.50 0.92
CA GLY A 320 20.88 -13.38 1.21
C GLY A 320 19.55 -12.82 0.76
N PRO A 321 18.46 -13.45 1.19
CA PRO A 321 17.13 -13.04 0.73
C PRO A 321 16.87 -11.55 0.96
N ILE A 322 16.21 -10.93 -0.01
CA ILE A 322 15.96 -9.49 0.03
C ILE A 322 14.93 -9.15 1.10
N GLY A 323 15.25 -8.16 1.93
CA GLY A 323 14.40 -7.75 3.03
C GLY A 323 13.27 -6.82 2.61
N HIS A 324 12.29 -7.40 1.91
CA HIS A 324 11.17 -6.64 1.38
C HIS A 324 9.99 -7.57 1.17
N GLY A 325 8.81 -7.11 1.55
CA GLY A 325 7.61 -7.87 1.32
C GLY A 325 6.39 -7.17 1.86
N TRP A 326 5.27 -7.32 1.15
CA TRP A 326 3.96 -6.96 1.67
C TRP A 326 3.13 -8.24 1.83
N THR A 327 2.37 -8.34 2.92
CA THR A 327 1.59 -9.56 3.17
C THR A 327 0.80 -10.00 1.95
N TYR A 328 0.15 -9.04 1.27
CA TYR A 328 -0.73 -9.34 0.15
C TYR A 328 -0.05 -9.26 -1.21
N SER A 329 1.29 -9.20 -1.26
CA SER A 329 2.00 -9.19 -2.52
C SER A 329 1.64 -10.41 -3.35
N GLY A 330 1.27 -10.19 -4.61
CA GLY A 330 0.93 -11.29 -5.49
C GLY A 330 -0.44 -11.90 -5.30
N HIS A 331 -1.34 -11.21 -4.61
CA HIS A 331 -2.66 -11.75 -4.27
C HIS A 331 -3.31 -12.38 -5.49
N ALA A 332 -3.75 -13.63 -5.34
CA ALA A 332 -4.22 -14.41 -6.48
C ALA A 332 -5.43 -13.78 -7.15
N LEU A 333 -6.35 -13.22 -6.36
CA LEU A 333 -7.52 -12.58 -6.96
C LEU A 333 -7.14 -11.30 -7.69
N GLY A 334 -6.17 -10.56 -7.18
CA GLY A 334 -5.67 -9.40 -7.91
C GLY A 334 -5.05 -9.79 -9.24
N CYS A 335 -4.25 -10.85 -9.23
CA CYS A 335 -3.62 -11.29 -10.47
C CYS A 335 -4.62 -11.88 -11.44
N ALA A 336 -5.63 -12.60 -10.94
CA ALA A 336 -6.68 -13.09 -11.81
C ALA A 336 -7.43 -11.95 -12.48
N ALA A 337 -7.67 -10.85 -11.75
CA ALA A 337 -8.32 -9.70 -12.36
C ALA A 337 -7.40 -9.03 -13.37
N GLY A 338 -6.12 -8.91 -13.06
CA GLY A 338 -5.17 -8.38 -14.02
C GLY A 338 -5.17 -9.14 -15.32
N LEU A 339 -5.14 -10.48 -15.24
CA LEU A 339 -5.15 -11.27 -16.46
C LEU A 339 -6.41 -11.02 -17.27
N ALA A 340 -7.58 -11.04 -16.62
CA ALA A 340 -8.83 -10.82 -17.35
C ALA A 340 -8.86 -9.43 -18.00
N ASN A 341 -8.43 -8.42 -17.24
CA ASN A 341 -8.36 -7.05 -17.74
C ASN A 341 -7.47 -6.96 -18.97
N LEU A 342 -6.25 -7.50 -18.90
CA LEU A 342 -5.34 -7.40 -20.04
C LEU A 342 -5.89 -8.16 -21.24
N ALA A 343 -6.54 -9.30 -21.02
CA ALA A 343 -7.11 -10.06 -22.13
C ALA A 343 -8.21 -9.27 -22.82
N ILE A 344 -9.01 -8.54 -22.05
CA ILE A 344 -10.05 -7.70 -22.63
C ILE A 344 -9.45 -6.55 -23.45
N ILE A 345 -8.41 -5.91 -22.93
CA ILE A 345 -7.78 -4.83 -23.66
C ILE A 345 -7.27 -5.33 -24.99
N GLU A 346 -6.66 -6.51 -24.98
CA GLU A 346 -6.10 -7.07 -26.20
C GLU A 346 -7.21 -7.47 -27.16
N ARG A 347 -8.24 -8.16 -26.65
CA ARG A 347 -9.27 -8.72 -27.51
C ARG A 347 -10.08 -7.64 -28.21
N GLU A 348 -10.39 -6.56 -27.48
CA GLU A 348 -11.21 -5.46 -27.97
C GLU A 348 -10.40 -4.37 -28.62
N GLY A 349 -9.09 -4.51 -28.71
CA GLY A 349 -8.26 -3.49 -29.34
C GLY A 349 -8.37 -2.13 -28.68
N LEU A 350 -8.37 -2.10 -27.34
CA LEU A 350 -8.62 -0.83 -26.67
C LEU A 350 -7.44 0.13 -26.76
N THR A 351 -6.21 -0.38 -26.93
CA THR A 351 -5.09 0.53 -27.11
C THR A 351 -5.22 1.30 -28.42
N ALA A 352 -5.63 0.60 -29.49
CA ALA A 352 -5.90 1.28 -30.75
C ALA A 352 -7.10 2.21 -30.63
N ASN A 353 -8.13 1.82 -29.86
CA ASN A 353 -9.23 2.76 -29.67
C ASN A 353 -8.77 4.02 -28.94
N ALA A 354 -7.90 3.85 -27.93
CA ALA A 354 -7.36 5.01 -27.22
C ALA A 354 -6.58 5.90 -28.17
N ALA A 355 -5.83 5.30 -29.10
CA ALA A 355 -5.10 6.11 -30.07
C ALA A 355 -6.05 6.83 -31.03
N GLU A 356 -7.04 6.11 -31.58
CA GLU A 356 -7.85 6.66 -32.65
C GLU A 356 -8.96 7.57 -32.11
N THR A 357 -9.76 7.06 -31.17
CA THR A 357 -10.78 7.89 -30.54
C THR A 357 -10.15 8.96 -29.65
N GLY A 358 -8.98 8.68 -29.07
CA GLY A 358 -8.28 9.72 -28.35
C GLY A 358 -7.88 10.86 -29.25
N ALA A 359 -7.36 10.56 -30.45
CA ALA A 359 -7.09 11.63 -31.40
C ALA A 359 -8.34 12.43 -31.71
N TYR A 360 -9.48 11.74 -31.87
CA TYR A 360 -10.76 12.42 -32.07
C TYR A 360 -11.14 13.29 -30.88
N LEU A 361 -10.89 12.80 -29.67
CA LEU A 361 -11.08 13.62 -28.47
C LEU A 361 -10.26 14.90 -28.56
N GLN A 362 -8.98 14.79 -28.92
CA GLN A 362 -8.17 15.99 -29.04
C GLN A 362 -8.75 16.94 -30.09
N GLN A 363 -9.16 16.40 -31.24
CA GLN A 363 -9.71 17.22 -32.31
C GLN A 363 -10.96 17.96 -31.85
N CYS A 364 -11.86 17.25 -31.16
CA CYS A 364 -13.09 17.89 -30.70
C CYS A 364 -12.82 18.95 -29.63
N MET A 365 -11.89 18.68 -28.70
N MET A 365 -11.89 18.68 -28.71
CA MET A 365 -11.56 19.67 -27.69
CA MET A 365 -11.56 19.67 -27.69
C MET A 365 -10.93 20.92 -28.32
C MET A 365 -10.93 20.92 -28.32
N GLN A 366 -10.02 20.73 -29.29
CA GLN A 366 -9.42 21.88 -29.97
C GLN A 366 -10.47 22.67 -30.73
N GLN A 367 -11.38 21.98 -31.43
CA GLN A 367 -12.43 22.67 -32.18
C GLN A 367 -13.35 23.46 -31.25
N THR A 368 -13.79 22.82 -30.18
CA THR A 368 -14.79 23.44 -29.32
C THR A 368 -14.19 24.50 -28.43
N PHE A 369 -12.95 24.32 -27.96
CA PHE A 369 -12.38 25.21 -26.96
C PHE A 369 -11.15 25.99 -27.38
N GLY A 370 -10.65 25.80 -28.60
CA GLY A 370 -9.42 26.44 -29.03
C GLY A 370 -9.48 27.96 -29.12
N GLU A 371 -10.67 28.53 -29.16
CA GLU A 371 -10.86 29.97 -29.17
C GLU A 371 -11.88 30.39 -28.14
N HIS A 372 -12.04 29.62 -27.09
CA HIS A 372 -13.01 29.97 -26.05
C HIS A 372 -12.41 31.04 -25.14
N PRO A 373 -13.18 32.07 -24.79
CA PRO A 373 -12.62 33.19 -24.02
C PRO A 373 -12.20 32.85 -22.61
N LEU A 374 -12.58 31.67 -22.08
CA LEU A 374 -12.16 31.27 -20.75
C LEU A 374 -10.98 30.30 -20.77
N VAL A 375 -10.54 29.85 -21.95
CA VAL A 375 -9.61 28.72 -22.04
C VAL A 375 -8.25 29.21 -22.50
N GLY A 376 -7.27 29.14 -21.60
CA GLY A 376 -5.90 29.49 -21.95
C GLY A 376 -5.15 28.41 -22.70
N GLU A 377 -5.42 27.14 -22.38
CA GLU A 377 -4.78 26.05 -23.09
C GLU A 377 -5.71 24.85 -23.20
N VAL A 378 -5.76 24.26 -24.39
CA VAL A 378 -6.37 22.96 -24.64
C VAL A 378 -5.20 22.02 -24.92
N ARG A 379 -5.15 20.90 -24.21
CA ARG A 379 -4.02 19.98 -24.37
C ARG A 379 -4.45 18.55 -24.14
N GLY A 380 -3.59 17.63 -24.56
CA GLY A 380 -3.84 16.22 -24.30
C GLY A 380 -3.11 15.33 -25.28
N VAL A 381 -3.25 14.04 -25.04
CA VAL A 381 -2.71 12.99 -25.91
C VAL A 381 -3.50 11.72 -25.63
N GLY A 382 -3.88 11.02 -26.69
CA GLY A 382 -4.62 9.78 -26.47
C GLY A 382 -5.91 10.06 -25.71
N MET A 383 -6.22 9.21 -24.72
CA MET A 383 -7.41 9.40 -23.90
C MET A 383 -7.16 10.24 -22.65
N LEU A 384 -6.29 11.24 -22.73
CA LEU A 384 -6.08 12.24 -21.70
C LEU A 384 -6.29 13.61 -22.35
N ALA A 385 -7.06 14.49 -21.71
CA ALA A 385 -7.22 15.84 -22.20
C ALA A 385 -7.50 16.78 -21.04
N ALA A 386 -7.22 18.06 -21.26
CA ALA A 386 -7.46 19.06 -20.23
C ALA A 386 -7.68 20.43 -20.83
N LEU A 387 -8.43 21.23 -20.08
CA LEU A 387 -8.69 22.63 -20.37
C LEU A 387 -8.17 23.43 -19.19
N GLU A 388 -7.24 24.34 -19.45
CA GLU A 388 -6.73 25.23 -18.39
C GLU A 388 -7.33 26.62 -18.62
N PHE A 389 -8.02 27.13 -17.60
CA PHE A 389 -8.77 28.37 -17.72
C PHE A 389 -7.92 29.60 -17.44
N SER A 390 -8.31 30.73 -18.04
CA SER A 390 -7.56 31.97 -17.95
C SER A 390 -8.52 33.14 -18.11
N PRO A 391 -8.31 34.23 -17.38
CA PRO A 391 -9.09 35.45 -17.64
C PRO A 391 -8.63 36.20 -18.88
N ALA A 392 -7.48 35.82 -19.44
CA ALA A 392 -6.93 36.48 -20.62
C ALA A 392 -6.05 35.47 -21.32
N PRO A 393 -6.65 34.56 -22.08
CA PRO A 393 -5.86 33.51 -22.74
C PRO A 393 -4.62 33.97 -23.48
N ALA A 394 -4.72 35.08 -24.21
CA ALA A 394 -3.58 35.50 -25.01
C ALA A 394 -2.37 35.89 -24.17
N ARG A 395 -2.56 36.11 -22.87
CA ARG A 395 -1.47 36.44 -21.97
C ARG A 395 -1.07 35.29 -21.05
N ARG A 396 -1.70 34.12 -21.20
CA ARG A 396 -1.45 32.99 -20.31
C ARG A 396 -1.66 33.39 -18.86
N ALA A 397 -2.64 34.28 -18.62
CA ALA A 397 -2.90 34.77 -17.29
C ALA A 397 -3.58 33.69 -16.46
N PHE A 398 -3.35 33.76 -15.15
CA PHE A 398 -3.99 32.86 -14.20
C PHE A 398 -5.06 33.61 -13.42
N PHE A 399 -6.12 32.90 -13.05
CA PHE A 399 -7.14 33.50 -12.19
C PHE A 399 -6.62 33.58 -10.75
N ASP A 400 -7.18 34.50 -9.98
CA ASP A 400 -7.03 34.46 -8.54
C ASP A 400 -7.52 33.09 -8.07
N PRO A 401 -6.68 32.28 -7.41
CA PRO A 401 -7.15 30.95 -6.98
C PRO A 401 -8.39 30.97 -6.12
N ALA A 402 -8.65 32.07 -5.42
CA ALA A 402 -9.80 32.15 -4.54
C ALA A 402 -11.11 32.09 -5.29
N LEU A 403 -11.11 32.42 -6.58
CA LEU A 403 -12.33 32.33 -7.38
C LEU A 403 -12.76 30.90 -7.65
N LYS A 404 -11.88 29.92 -7.45
CA LYS A 404 -12.21 28.51 -7.61
C LYS A 404 -12.79 28.20 -8.99
N VAL A 405 -12.21 28.78 -10.04
CA VAL A 405 -12.76 28.59 -11.37
C VAL A 405 -12.79 27.12 -11.77
N GLY A 406 -11.67 26.42 -11.60
CA GLY A 406 -11.62 25.03 -11.95
C GLY A 406 -12.65 24.19 -11.22
N PRO A 407 -12.64 24.24 -9.90
CA PRO A 407 -13.69 23.53 -9.14
C PRO A 407 -15.10 23.91 -9.57
N ARG A 408 -15.35 25.18 -9.88
CA ARG A 408 -16.67 25.60 -10.29
C ARG A 408 -17.07 25.02 -11.64
N VAL A 409 -16.12 24.91 -12.57
CA VAL A 409 -16.43 24.29 -13.85
C VAL A 409 -16.72 22.80 -13.67
N SER A 410 -15.94 22.12 -12.83
CA SER A 410 -16.21 20.72 -12.53
C SER A 410 -17.59 20.53 -11.93
N ALA A 411 -17.97 21.40 -10.98
CA ALA A 411 -19.31 21.29 -10.38
C ALA A 411 -20.40 21.56 -11.41
N ALA A 412 -20.19 22.53 -12.30
CA ALA A 412 -21.15 22.78 -13.36
C ALA A 412 -21.26 21.58 -14.30
N ALA A 413 -20.14 20.89 -14.55
CA ALA A 413 -20.20 19.70 -15.36
C ALA A 413 -21.02 18.61 -14.68
N MET A 414 -20.88 18.49 -13.35
CA MET A 414 -21.66 17.52 -12.61
C MET A 414 -23.15 17.78 -12.78
N SER A 415 -23.55 19.06 -12.88
CA SER A 415 -24.94 19.39 -13.12
C SER A 415 -25.41 19.00 -14.52
N GLU A 416 -24.48 18.83 -15.47
CA GLU A 416 -24.78 18.25 -16.77
C GLU A 416 -24.65 16.74 -16.76
N ASN A 417 -24.51 16.14 -15.57
CA ASN A 417 -24.32 14.69 -15.39
C ASN A 417 -23.04 14.21 -16.06
N LEU A 418 -22.00 15.03 -15.98
CA LEU A 418 -20.67 14.69 -16.47
C LEU A 418 -19.67 14.83 -15.34
N ILE A 419 -18.91 13.77 -15.09
CA ILE A 419 -17.78 13.82 -14.16
C ILE A 419 -16.53 14.15 -14.93
N ALA A 420 -15.94 15.32 -14.64
CA ALA A 420 -14.62 15.72 -15.13
C ALA A 420 -13.96 16.48 -13.97
N ARG A 421 -12.69 16.19 -13.75
N ARG A 421 -12.70 16.18 -13.73
CA ARG A 421 -12.04 16.55 -12.49
CA ARG A 421 -12.06 16.55 -12.48
C ARG A 421 -11.44 17.94 -12.51
C ARG A 421 -11.47 17.95 -12.52
N ALA A 422 -11.64 18.69 -11.43
CA ALA A 422 -10.92 19.94 -11.22
C ALA A 422 -9.54 19.52 -10.69
N MET A 423 -8.51 19.79 -11.46
CA MET A 423 -7.17 19.36 -11.09
C MET A 423 -6.60 20.27 -10.01
N PRO A 424 -5.71 19.73 -9.18
CA PRO A 424 -5.15 20.54 -8.09
C PRO A 424 -4.24 21.64 -8.58
N GLN A 425 -4.12 22.67 -7.73
CA GLN A 425 -3.09 23.70 -7.87
C GLN A 425 -3.22 24.41 -9.21
N GLY A 426 -4.43 24.86 -9.50
CA GLY A 426 -4.69 25.57 -10.74
C GLY A 426 -6.17 25.52 -11.05
N ASP A 427 -6.50 26.06 -12.22
CA ASP A 427 -7.87 26.03 -12.73
C ASP A 427 -7.86 25.21 -14.00
N ILE A 428 -8.08 23.91 -13.86
CA ILE A 428 -7.88 22.95 -14.94
C ILE A 428 -8.98 21.91 -14.84
N LEU A 429 -9.68 21.68 -15.96
CA LEU A 429 -10.67 20.62 -16.05
C LEU A 429 -10.04 19.46 -16.79
N GLY A 430 -9.94 18.30 -16.13
CA GLY A 430 -9.26 17.15 -16.66
C GLY A 430 -10.20 16.05 -17.12
N PHE A 431 -9.78 15.34 -18.17
CA PHE A 431 -10.53 14.25 -18.76
C PHE A 431 -9.64 13.03 -18.90
N ALA A 432 -10.14 11.88 -18.45
CA ALA A 432 -9.44 10.60 -18.60
C ALA A 432 -10.49 9.51 -18.75
N PRO A 433 -11.24 9.53 -19.84
CA PRO A 433 -12.42 8.64 -19.92
C PRO A 433 -12.00 7.21 -20.15
N PRO A 434 -12.90 6.26 -19.92
CA PRO A 434 -12.53 4.86 -20.16
C PRO A 434 -12.07 4.65 -21.60
N LEU A 435 -11.21 3.64 -21.78
CA LEU A 435 -10.65 3.38 -23.11
C LEU A 435 -11.63 2.76 -24.07
N VAL A 436 -12.82 2.38 -23.60
CA VAL A 436 -13.91 1.91 -24.47
C VAL A 436 -14.74 3.05 -25.04
N THR A 437 -14.47 4.30 -24.66
CA THR A 437 -15.30 5.41 -25.09
C THR A 437 -15.35 5.49 -26.61
N THR A 438 -16.54 5.75 -27.16
CA THR A 438 -16.73 5.85 -28.60
C THR A 438 -16.69 7.31 -29.06
N ARG A 439 -16.68 7.51 -30.37
CA ARG A 439 -16.70 8.88 -30.88
C ARG A 439 -17.98 9.60 -30.50
N ALA A 440 -19.11 8.89 -30.56
CA ALA A 440 -20.37 9.51 -30.16
C ALA A 440 -20.35 9.91 -28.71
N GLU A 441 -19.73 9.09 -27.85
CA GLU A 441 -19.62 9.45 -26.44
C GLU A 441 -18.66 10.64 -26.25
N VAL A 442 -17.57 10.70 -27.03
CA VAL A 442 -16.73 11.89 -27.01
C VAL A 442 -17.56 13.14 -27.32
N ASP A 443 -18.42 13.05 -28.34
CA ASP A 443 -19.22 14.20 -28.70
C ASP A 443 -20.08 14.65 -27.53
N GLU A 444 -20.65 13.69 -26.79
CA GLU A 444 -21.53 14.03 -25.67
C GLU A 444 -20.73 14.61 -24.50
N ILE A 445 -19.55 14.06 -24.23
CA ILE A 445 -18.69 14.61 -23.18
C ILE A 445 -18.35 16.05 -23.50
N VAL A 446 -17.95 16.30 -24.76
CA VAL A 446 -17.55 17.64 -25.17
C VAL A 446 -18.72 18.61 -25.07
N ALA A 447 -19.91 18.19 -25.49
CA ALA A 447 -21.09 19.05 -25.44
C ALA A 447 -21.44 19.41 -24.01
N ARG A 448 -21.38 18.45 -23.09
CA ARG A 448 -21.67 18.75 -21.69
C ARG A 448 -20.60 19.65 -21.09
N ALA A 449 -19.33 19.39 -21.41
CA ALA A 449 -18.26 20.26 -20.94
C ALA A 449 -18.45 21.68 -21.44
N LYS A 450 -18.88 21.84 -22.69
CA LYS A 450 -19.07 23.16 -23.26
C LYS A 450 -20.14 23.92 -22.47
N ARG A 451 -21.26 23.25 -22.15
CA ARG A 451 -22.32 23.93 -21.40
C ARG A 451 -21.81 24.37 -20.03
N ALA A 452 -21.00 23.52 -19.39
CA ALA A 452 -20.46 23.84 -18.07
C ALA A 452 -19.48 25.02 -18.14
N VAL A 453 -18.56 24.99 -19.11
CA VAL A 453 -17.59 26.08 -19.24
C VAL A 453 -18.31 27.38 -19.54
N ASP A 454 -19.30 27.33 -20.45
CA ASP A 454 -20.06 28.53 -20.80
C ASP A 454 -20.80 29.08 -19.58
N LYS A 455 -21.37 28.20 -18.75
CA LYS A 455 -22.10 28.67 -17.57
C LYS A 455 -21.18 29.45 -16.64
N VAL A 456 -20.00 28.92 -16.34
CA VAL A 456 -19.10 29.62 -15.44
C VAL A 456 -18.54 30.88 -16.10
N THR A 457 -18.31 30.82 -17.41
CA THR A 457 -17.91 32.03 -18.13
C THR A 457 -18.92 33.15 -17.92
N ASP A 458 -20.21 32.83 -18.06
CA ASP A 458 -21.24 33.84 -17.86
C ASP A 458 -21.26 34.37 -16.43
N GLU A 459 -21.12 33.49 -15.45
CA GLU A 459 -21.08 33.92 -14.07
C GLU A 459 -19.94 34.90 -13.83
N LEU A 460 -18.75 34.54 -14.31
CA LEU A 460 -17.58 35.40 -14.12
C LEU A 460 -17.72 36.72 -14.87
N THR A 461 -18.38 36.72 -16.02
CA THR A 461 -18.64 37.97 -16.70
C THR A 461 -19.55 38.87 -15.85
N ARG A 462 -20.64 38.31 -15.34
CA ARG A 462 -21.61 39.09 -14.59
C ARG A 462 -21.03 39.60 -13.27
N SER A 463 -20.13 38.87 -12.66
CA SER A 463 -19.55 39.31 -11.39
C SER A 463 -18.35 40.25 -11.57
N GLY A 464 -17.93 40.51 -12.81
CA GLY A 464 -16.82 41.40 -13.07
C GLY A 464 -15.45 40.77 -12.99
N ASP A 465 -15.36 39.45 -12.95
CA ASP A 465 -14.09 38.74 -12.85
C ASP A 465 -13.54 38.30 -14.20
N LEU A 466 -14.18 38.67 -15.29
CA LEU A 466 -13.67 38.32 -16.62
C LEU A 466 -13.97 39.43 -17.62
N SER B 2 8.05 -32.31 -13.30
CA SER B 2 6.61 -32.26 -13.15
C SER B 2 6.02 -30.95 -13.66
N GLN B 3 4.69 -30.94 -13.85
CA GLN B 3 4.01 -29.70 -14.19
C GLN B 3 4.28 -28.62 -13.16
N HIS B 4 4.31 -29.00 -11.89
CA HIS B 4 4.60 -28.07 -10.81
C HIS B 4 5.96 -27.41 -10.98
N GLN B 5 7.01 -28.23 -11.18
CA GLN B 5 8.32 -27.63 -11.35
C GLN B 5 8.41 -26.82 -12.64
N ASN B 6 7.71 -27.23 -13.69
CA ASN B 6 7.71 -26.42 -14.91
C ASN B 6 7.09 -25.05 -14.66
N LEU B 7 6.03 -25.00 -13.83
CA LEU B 7 5.43 -23.73 -13.47
C LEU B 7 6.38 -22.87 -12.65
N ILE B 8 7.06 -23.48 -11.68
CA ILE B 8 8.06 -22.77 -10.90
C ILE B 8 9.13 -22.20 -11.82
N ASP B 9 9.60 -23.01 -12.78
CA ASP B 9 10.67 -22.57 -13.67
C ASP B 9 10.22 -21.41 -14.54
N ARG B 10 8.93 -21.36 -14.91
CA ARG B 10 8.42 -20.18 -15.59
C ARG B 10 8.51 -18.97 -14.68
N ASP B 11 8.12 -19.15 -13.41
CA ASP B 11 8.11 -18.07 -12.43
C ASP B 11 9.52 -17.54 -12.17
N ARG B 12 10.52 -18.44 -12.16
CA ARG B 12 11.91 -18.02 -11.94
C ARG B 12 12.35 -16.96 -12.95
N LYS B 13 11.78 -17.00 -14.16
CA LYS B 13 12.21 -16.07 -15.19
C LYS B 13 11.51 -14.71 -15.12
N VAL B 14 10.43 -14.58 -14.34
CA VAL B 14 9.57 -13.41 -14.49
C VAL B 14 9.18 -12.72 -13.20
N THR B 15 9.24 -13.35 -12.01
CA THR B 15 8.74 -12.72 -10.79
C THR B 15 9.84 -12.49 -9.76
N PHE B 16 9.87 -11.27 -9.21
CA PHE B 16 10.63 -10.90 -8.00
C PHE B 16 9.69 -11.13 -6.83
N HIS B 17 10.01 -12.12 -5.99
CA HIS B 17 9.22 -12.45 -4.82
C HIS B 17 9.73 -11.78 -3.55
N ALA B 18 8.79 -11.43 -2.68
CA ALA B 18 9.12 -10.98 -1.34
C ALA B 18 10.04 -11.98 -0.63
N SER B 19 10.98 -11.44 0.13
N SER B 19 10.98 -11.44 0.13
CA SER B 19 11.80 -12.23 1.05
CA SER B 19 11.80 -12.23 1.05
C SER B 19 12.39 -13.46 0.37
C SER B 19 12.40 -13.47 0.38
N THR B 20 12.90 -13.29 -0.83
CA THR B 20 13.45 -14.39 -1.62
C THR B 20 14.91 -14.14 -1.94
N HIS B 21 15.68 -15.22 -1.98
CA HIS B 21 17.05 -15.18 -2.47
C HIS B 21 16.98 -15.01 -3.98
N LEU B 22 16.98 -13.76 -4.44
CA LEU B 22 16.62 -13.47 -5.82
C LEU B 22 17.54 -14.18 -6.81
N ARG B 23 18.85 -14.19 -6.53
CA ARG B 23 19.77 -14.86 -7.43
C ARG B 23 19.50 -16.36 -7.49
N ASP B 24 19.45 -17.01 -6.31
CA ASP B 24 19.31 -18.46 -6.30
C ASP B 24 17.97 -18.88 -6.89
N PHE B 25 16.91 -18.11 -6.64
CA PHE B 25 15.62 -18.48 -7.21
C PHE B 25 15.64 -18.33 -8.72
N ALA B 26 16.20 -17.24 -9.24
CA ALA B 26 16.23 -17.04 -10.69
C ALA B 26 17.07 -18.09 -11.38
N HIS B 27 18.09 -18.59 -10.70
CA HIS B 27 19.04 -19.52 -11.32
C HIS B 27 18.74 -20.98 -11.02
N GLY B 28 17.65 -21.28 -10.33
CA GLY B 28 17.22 -22.65 -10.15
C GLY B 28 17.74 -23.33 -8.91
N GLU B 29 18.45 -22.61 -8.04
CA GLU B 29 19.12 -23.20 -6.90
C GLU B 29 18.33 -23.07 -5.60
N ALA B 30 17.27 -22.28 -5.59
CA ALA B 30 16.41 -22.17 -4.42
C ALA B 30 15.03 -22.71 -4.79
N PRO B 31 14.34 -23.33 -3.84
CA PRO B 31 13.05 -23.94 -4.16
C PRO B 31 11.94 -22.91 -4.35
N GLY B 32 10.92 -23.35 -5.09
CA GLY B 32 9.66 -22.66 -5.16
C GLY B 32 8.52 -23.58 -4.74
N ARG B 33 7.32 -22.99 -4.63
CA ARG B 33 6.13 -23.81 -4.44
C ARG B 33 4.91 -23.04 -4.93
N VAL B 34 4.11 -23.69 -5.78
CA VAL B 34 2.89 -23.09 -6.29
C VAL B 34 1.74 -23.59 -5.45
N MET B 35 1.09 -22.69 -4.71
N MET B 35 1.08 -22.69 -4.72
CA MET B 35 -0.10 -23.07 -3.94
CA MET B 35 -0.10 -23.06 -3.93
C MET B 35 -1.34 -22.96 -4.80
C MET B 35 -1.34 -22.95 -4.79
N ALA B 36 -2.24 -23.92 -4.67
CA ALA B 36 -3.36 -24.06 -5.59
C ALA B 36 -4.73 -24.24 -4.95
N GLY B 37 -4.81 -24.62 -3.69
CA GLY B 37 -6.12 -24.83 -3.09
C GLY B 37 -5.99 -24.81 -1.58
N GLY B 38 -7.12 -25.07 -0.94
CA GLY B 38 -7.13 -25.14 0.51
C GLY B 38 -8.53 -25.05 1.08
N GLU B 39 -8.71 -25.64 2.26
CA GLU B 39 -9.97 -25.60 2.98
C GLU B 39 -9.67 -25.68 4.46
N GLY B 40 -10.36 -24.85 5.25
CA GLY B 40 -10.18 -24.92 6.69
C GLY B 40 -8.78 -24.52 7.08
N ILE B 41 -8.07 -25.40 7.80
CA ILE B 41 -6.69 -25.10 8.19
C ILE B 41 -5.67 -25.65 7.21
N HIS B 42 -6.12 -26.24 6.10
CA HIS B 42 -5.21 -26.89 5.16
C HIS B 42 -5.02 -26.06 3.90
N VAL B 43 -3.78 -26.07 3.40
N VAL B 43 -3.79 -26.09 3.37
CA VAL B 43 -3.45 -25.54 2.09
CA VAL B 43 -3.45 -25.49 2.08
C VAL B 43 -2.97 -26.70 1.23
C VAL B 43 -2.75 -26.54 1.23
N VAL B 44 -3.00 -26.49 -0.08
CA VAL B 44 -2.64 -27.55 -1.02
C VAL B 44 -1.83 -26.97 -2.17
N ASP B 45 -0.72 -27.63 -2.52
CA ASP B 45 0.13 -27.19 -3.62
C ASP B 45 -0.34 -27.80 -4.95
N LYS B 46 0.38 -27.44 -6.02
CA LYS B 46 0.00 -27.84 -7.37
C LYS B 46 0.08 -29.35 -7.59
N ASP B 47 0.86 -30.06 -6.79
CA ASP B 47 0.91 -31.51 -6.88
C ASP B 47 -0.20 -32.19 -6.08
N GLY B 48 -0.99 -31.43 -5.33
CA GLY B 48 -1.97 -32.00 -4.43
C GLY B 48 -1.44 -32.33 -3.05
N ARG B 49 -0.22 -31.92 -2.75
CA ARG B 49 0.32 -32.15 -1.41
C ARG B 49 -0.33 -31.18 -0.43
N GLU B 50 -0.85 -31.72 0.67
CA GLU B 50 -1.71 -31.00 1.59
C GLU B 50 -0.96 -30.74 2.89
N PHE B 51 -0.97 -29.49 3.34
CA PHE B 51 -0.27 -29.07 4.55
C PHE B 51 -1.25 -28.53 5.56
N ILE B 52 -1.00 -28.78 6.84
CA ILE B 52 -1.63 -27.97 7.88
C ILE B 52 -0.88 -26.64 7.92
N ASP B 53 -1.60 -25.54 7.72
CA ASP B 53 -0.98 -24.22 7.77
C ASP B 53 -1.06 -23.69 9.19
N GLY B 54 -0.01 -23.97 9.96
CA GLY B 54 0.07 -23.47 11.31
C GLY B 54 0.37 -21.99 11.42
N PHE B 55 0.50 -21.28 10.29
CA PHE B 55 0.75 -19.84 10.32
C PHE B 55 -0.35 -19.03 9.64
N ALA B 56 -1.42 -19.67 9.17
CA ALA B 56 -2.55 -18.97 8.55
C ALA B 56 -2.08 -17.95 7.51
N GLY B 57 -1.27 -18.41 6.58
CA GLY B 57 -0.69 -17.53 5.60
C GLY B 57 0.45 -16.79 6.24
N LEU B 58 0.20 -15.51 6.59
CA LEU B 58 1.08 -14.70 7.45
C LEU B 58 0.17 -14.07 8.51
N TYR B 59 -0.19 -14.87 9.51
CA TYR B 59 -1.07 -14.42 10.60
C TYR B 59 -2.37 -13.81 10.06
N CYS B 60 -2.91 -14.32 8.95
CA CYS B 60 -3.99 -13.57 8.33
C CYS B 60 -5.17 -14.36 7.82
N VAL B 61 -5.05 -15.64 7.50
CA VAL B 61 -6.20 -16.39 6.99
C VAL B 61 -7.00 -16.87 8.20
N ASN B 62 -7.62 -15.92 8.89
CA ASN B 62 -8.09 -16.18 10.25
C ASN B 62 -9.36 -17.02 10.30
N ILE B 63 -10.26 -16.87 9.33
CA ILE B 63 -11.47 -17.69 9.29
C ILE B 63 -11.25 -19.00 8.53
N GLY B 64 -10.02 -19.27 8.13
CA GLY B 64 -9.72 -20.47 7.37
C GLY B 64 -9.83 -20.27 5.86
N TYR B 65 -9.29 -21.26 5.15
CA TYR B 65 -9.27 -21.29 3.70
C TYR B 65 -10.59 -21.79 3.11
N GLY B 66 -10.87 -21.37 1.88
CA GLY B 66 -11.95 -21.99 1.12
C GLY B 66 -13.34 -21.48 1.47
N ARG B 67 -13.45 -20.26 1.96
CA ARG B 67 -14.73 -19.69 2.38
C ARG B 67 -15.51 -19.21 1.16
N THR B 68 -16.32 -20.10 0.59
CA THR B 68 -17.15 -19.70 -0.54
C THR B 68 -18.10 -18.58 -0.14
N GLU B 69 -18.47 -18.51 1.13
CA GLU B 69 -19.33 -17.43 1.59
C GLU B 69 -18.70 -16.07 1.30
N VAL B 70 -17.39 -15.94 1.52
CA VAL B 70 -16.72 -14.66 1.24
C VAL B 70 -16.60 -14.43 -0.26
N ALA B 71 -16.28 -15.48 -1.02
CA ALA B 71 -16.26 -15.34 -2.48
C ALA B 71 -17.60 -14.86 -3.00
N GLU B 72 -18.70 -15.38 -2.45
CA GLU B 72 -20.02 -14.97 -2.92
C GLU B 72 -20.33 -13.53 -2.57
N ALA B 73 -19.90 -13.07 -1.37
CA ALA B 73 -20.11 -11.67 -1.01
C ALA B 73 -19.33 -10.75 -1.95
N ILE B 74 -18.11 -11.13 -2.28
CA ILE B 74 -17.31 -10.35 -3.22
C ILE B 74 -18.03 -10.31 -4.57
N HIS B 75 -18.51 -11.46 -5.01
CA HIS B 75 -19.15 -11.54 -6.32
C HIS B 75 -20.44 -10.73 -6.38
N ARG B 76 -21.28 -10.83 -5.36
CA ARG B 76 -22.49 -10.03 -5.31
C ARG B 76 -22.19 -8.54 -5.47
N GLN B 77 -21.17 -8.05 -4.75
CA GLN B 77 -20.83 -6.65 -4.86
C GLN B 77 -20.23 -6.33 -6.21
N ALA B 78 -19.47 -7.26 -6.80
CA ALA B 78 -18.86 -6.99 -8.10
C ALA B 78 -19.93 -6.85 -9.18
N LEU B 79 -21.08 -7.51 -9.02
CA LEU B 79 -22.14 -7.36 -9.99
C LEU B 79 -22.91 -6.04 -9.84
N GLU B 80 -22.72 -5.34 -8.72
CA GLU B 80 -23.29 -4.01 -8.53
C GLU B 80 -22.27 -2.94 -8.91
N LEU B 81 -21.17 -2.88 -8.16
CA LEU B 81 -20.09 -1.93 -8.42
C LEU B 81 -18.82 -2.44 -7.75
N ALA B 82 -17.81 -2.77 -8.55
CA ALA B 82 -16.53 -3.20 -8.00
C ALA B 82 -15.76 -2.05 -7.40
N TYR B 83 -15.81 -0.87 -8.05
CA TYR B 83 -14.99 0.25 -7.63
C TYR B 83 -15.52 1.57 -8.14
N TYR B 84 -15.52 2.57 -7.26
CA TYR B 84 -15.44 3.97 -7.60
C TYR B 84 -14.56 4.58 -6.51
N HIS B 85 -13.98 5.74 -6.76
CA HIS B 85 -13.14 6.35 -5.73
C HIS B 85 -13.98 6.74 -4.53
N THR B 86 -13.31 6.89 -3.38
CA THR B 86 -13.97 7.40 -2.16
C THR B 86 -13.31 8.71 -1.69
N TYR B 87 -12.92 9.53 -2.64
CA TYR B 87 -12.41 10.87 -2.40
C TYR B 87 -13.55 11.88 -2.31
N VAL B 88 -13.27 13.01 -1.67
CA VAL B 88 -14.19 14.15 -1.62
C VAL B 88 -15.61 13.71 -1.26
N GLY B 89 -15.74 13.00 -0.15
CA GLY B 89 -17.06 12.62 0.38
C GLY B 89 -17.78 11.54 -0.39
N HIS B 90 -17.15 10.92 -1.38
CA HIS B 90 -17.78 9.82 -2.11
C HIS B 90 -17.58 8.52 -1.32
N SER B 91 -18.58 7.65 -1.38
CA SER B 91 -18.58 6.43 -0.60
C SER B 91 -19.27 5.31 -1.38
N ASN B 92 -19.24 4.11 -0.82
CA ASN B 92 -20.06 3.00 -1.29
C ASN B 92 -20.69 2.35 -0.06
N GLU B 93 -21.77 1.64 -0.26
CA GLU B 93 -22.53 1.13 0.88
C GLU B 93 -21.74 0.13 1.71
N PRO B 94 -21.03 -0.84 1.14
CA PRO B 94 -20.22 -1.71 2.00
C PRO B 94 -19.20 -0.95 2.84
N GLN B 95 -18.60 0.11 2.30
N GLN B 95 -18.58 0.10 2.27
CA GLN B 95 -17.60 0.87 3.03
CA GLN B 95 -17.60 0.88 3.03
C GLN B 95 -18.21 1.59 4.23
C GLN B 95 -18.25 1.53 4.25
N ILE B 96 -19.44 2.09 4.08
CA ILE B 96 -20.13 2.75 5.18
C ILE B 96 -20.43 1.74 6.27
N GLN B 97 -21.00 0.59 5.89
CA GLN B 97 -21.34 -0.45 6.84
C GLN B 97 -20.09 -0.96 7.55
N LEU B 98 -18.97 -1.09 6.83
CA LEU B 98 -17.78 -1.65 7.46
C LEU B 98 -17.17 -0.67 8.45
N SER B 99 -17.21 0.63 8.15
CA SER B 99 -16.72 1.61 9.12
C SER B 99 -17.48 1.47 10.44
N GLU B 100 -18.81 1.36 10.36
CA GLU B 100 -19.62 1.15 11.56
C GLU B 100 -19.19 -0.11 12.31
N LYS B 101 -19.02 -1.22 11.59
CA LYS B 101 -18.69 -2.47 12.25
C LYS B 101 -17.29 -2.41 12.89
N ILE B 102 -16.33 -1.81 12.20
CA ILE B 102 -14.99 -1.68 12.75
C ILE B 102 -15.01 -0.88 14.04
N LEU B 103 -15.70 0.27 14.03
CA LEU B 103 -15.73 1.10 15.22
C LEU B 103 -16.45 0.41 16.38
N GLU B 104 -17.49 -0.36 16.07
CA GLU B 104 -18.20 -1.11 17.10
C GLU B 104 -17.24 -2.08 17.80
N LEU B 105 -16.38 -2.73 17.04
CA LEU B 105 -15.42 -3.66 17.63
C LEU B 105 -14.31 -2.94 18.38
N ALA B 106 -13.80 -1.85 17.83
CA ALA B 106 -12.66 -1.17 18.45
C ALA B 106 -13.04 -0.56 19.78
N GLY B 107 -14.26 -0.03 19.88
CA GLY B 107 -14.79 0.39 21.14
C GLY B 107 -14.87 1.89 21.29
N PRO B 108 -15.50 2.33 22.37
CA PRO B 108 -15.66 3.76 22.59
C PRO B 108 -14.31 4.45 22.66
N GLY B 109 -14.28 5.69 22.17
CA GLY B 109 -13.06 6.46 22.07
C GLY B 109 -12.51 6.50 20.67
N MET B 110 -12.89 5.56 19.83
CA MET B 110 -12.50 5.55 18.44
C MET B 110 -13.60 6.22 17.62
N SER B 111 -13.17 7.04 16.66
CA SER B 111 -14.08 7.97 15.99
C SER B 111 -14.28 7.68 14.50
N LYS B 112 -13.20 7.40 13.75
CA LYS B 112 -13.30 7.31 12.31
C LYS B 112 -12.33 6.28 11.78
N VAL B 113 -12.59 5.79 10.56
CA VAL B 113 -11.74 4.82 9.87
C VAL B 113 -11.30 5.42 8.53
N TYR B 114 -10.01 5.31 8.22
CA TYR B 114 -9.45 5.60 6.89
C TYR B 114 -8.93 4.31 6.26
N TYR B 115 -9.29 4.06 5.00
CA TYR B 115 -8.98 2.77 4.37
C TYR B 115 -7.79 2.80 3.42
N GLY B 116 -6.98 1.74 3.51
CA GLY B 116 -5.88 1.48 2.60
C GLY B 116 -5.88 0.00 2.22
N MET B 117 -4.71 -0.53 1.80
N MET B 117 -4.74 -0.53 1.79
CA MET B 117 -4.62 -1.89 1.28
CA MET B 117 -4.66 -1.91 1.33
C MET B 117 -3.62 -2.78 2.00
C MET B 117 -3.79 -2.78 2.21
N SER B 118 -2.75 -2.22 2.82
CA SER B 118 -1.74 -2.98 3.53
C SER B 118 -1.51 -2.36 4.90
N GLY B 119 -1.03 -3.17 5.84
CA GLY B 119 -0.60 -2.62 7.11
C GLY B 119 0.47 -1.56 6.94
N SER B 120 1.38 -1.77 5.97
CA SER B 120 2.45 -0.80 5.72
C SER B 120 1.87 0.55 5.32
N ASP B 121 0.89 0.57 4.39
CA ASP B 121 0.33 1.87 3.98
C ASP B 121 -0.48 2.49 5.11
N ALA B 122 -1.03 1.68 6.00
CA ALA B 122 -1.76 2.25 7.13
C ALA B 122 -0.79 2.96 8.05
N ASN B 123 0.42 2.42 8.23
CA ASN B 123 1.40 3.10 9.07
C ASN B 123 2.00 4.32 8.37
N GLU B 124 2.06 4.34 7.04
CA GLU B 124 2.38 5.59 6.34
C GLU B 124 1.34 6.66 6.72
N THR B 125 0.05 6.29 6.68
CA THR B 125 -1.00 7.23 7.04
C THR B 125 -0.85 7.68 8.49
N GLN B 126 -0.56 6.75 9.40
CA GLN B 126 -0.37 7.12 10.80
C GLN B 126 0.69 8.20 10.93
N LEU B 127 1.82 8.03 10.24
CA LEU B 127 2.91 9.01 10.34
C LEU B 127 2.49 10.38 9.81
N LYS B 128 1.76 10.40 8.69
CA LYS B 128 1.24 11.68 8.19
C LYS B 128 0.30 12.33 9.20
N ILE B 129 -0.56 11.53 9.85
CA ILE B 129 -1.47 12.07 10.85
C ILE B 129 -0.72 12.70 12.00
N VAL B 130 0.33 12.03 12.48
CA VAL B 130 1.08 12.54 13.63
C VAL B 130 1.73 13.87 13.29
N ARG B 131 2.30 13.98 12.10
CA ARG B 131 2.93 15.23 11.66
C ARG B 131 1.89 16.34 11.55
N TYR B 132 0.76 16.04 10.90
CA TYR B 132 -0.30 17.02 10.69
C TYR B 132 -0.83 17.50 12.03
N TYR B 133 -1.08 16.57 12.94
CA TYR B 133 -1.57 16.89 14.30
C TYR B 133 -0.69 17.92 14.98
N ASN B 134 0.61 17.68 15.02
CA ASN B 134 1.50 18.63 15.71
C ASN B 134 1.68 19.93 14.95
N ASN B 135 1.70 19.90 13.61
CA ASN B 135 1.78 21.15 12.87
C ASN B 135 0.54 22.02 13.12
N VAL B 136 -0.65 21.40 13.13
CA VAL B 136 -1.88 22.16 13.35
C VAL B 136 -1.90 22.79 14.74
N LEU B 137 -1.37 22.08 15.72
CA LEU B 137 -1.31 22.60 17.08
C LEU B 137 -0.19 23.60 17.28
N GLY B 138 0.58 23.93 16.25
CA GLY B 138 1.66 24.89 16.40
C GLY B 138 2.84 24.36 17.17
N ARG B 139 3.13 23.07 17.04
CA ARG B 139 4.23 22.38 17.70
C ARG B 139 5.12 21.76 16.63
N PRO B 140 5.75 22.60 15.79
CA PRO B 140 6.51 22.05 14.67
C PRO B 140 7.68 21.18 15.08
N GLN B 141 8.18 21.31 16.30
CA GLN B 141 9.29 20.47 16.75
C GLN B 141 8.85 19.13 17.29
N LYS B 142 7.57 18.96 17.62
CA LYS B 142 7.11 17.76 18.33
C LYS B 142 6.75 16.74 17.24
N LYS B 143 7.76 15.97 16.82
CA LYS B 143 7.63 15.13 15.63
C LYS B 143 8.27 13.76 15.72
N LYS B 144 9.17 13.51 16.67
CA LYS B 144 9.86 12.23 16.67
C LYS B 144 8.89 11.11 17.02
N VAL B 145 9.14 9.94 16.43
CA VAL B 145 8.32 8.77 16.64
C VAL B 145 9.21 7.65 17.18
N ILE B 146 8.80 7.09 18.33
CA ILE B 146 9.55 6.04 19.01
C ILE B 146 8.85 4.71 18.72
N ALA B 147 9.57 3.80 18.08
CA ALA B 147 9.20 2.40 17.94
C ALA B 147 10.13 1.60 18.86
N ARG B 148 10.11 0.28 18.69
CA ARG B 148 10.88 -0.61 19.55
C ARG B 148 11.74 -1.55 18.73
N GLN B 149 12.91 -1.87 19.27
CA GLN B 149 13.69 -2.95 18.69
C GLN B 149 12.80 -4.18 18.59
N ARG B 150 12.89 -4.86 17.45
CA ARG B 150 12.15 -6.07 17.11
C ARG B 150 10.67 -5.84 16.84
N GLY B 151 10.19 -4.61 16.85
CA GLY B 151 8.86 -4.36 16.34
C GLY B 151 8.80 -4.59 14.84
N TYR B 152 7.60 -4.87 14.34
CA TYR B 152 7.36 -4.97 12.91
C TYR B 152 6.15 -4.13 12.54
N HIS B 153 6.36 -3.18 11.62
CA HIS B 153 5.34 -2.19 11.26
C HIS B 153 5.24 -2.02 9.76
N GLY B 154 5.92 -2.87 8.97
CA GLY B 154 5.82 -2.82 7.52
C GLY B 154 7.18 -2.73 6.88
N SER B 155 7.15 -2.58 5.55
CA SER B 155 8.29 -2.86 4.68
C SER B 155 8.56 -1.75 3.66
N GLY B 156 7.99 -0.58 3.85
CA GLY B 156 8.29 0.57 3.00
C GLY B 156 9.48 1.37 3.51
N ILE B 157 9.58 2.60 3.02
CA ILE B 157 10.64 3.49 3.50
C ILE B 157 10.34 3.94 4.93
N ALA B 158 9.21 4.64 5.13
CA ALA B 158 8.89 5.10 6.49
C ALA B 158 8.35 3.96 7.36
N SER B 159 7.43 3.15 6.82
CA SER B 159 6.90 2.06 7.61
C SER B 159 8.01 1.08 7.99
N GLY B 160 8.97 0.86 7.08
CA GLY B 160 10.09 0.00 7.39
C GLY B 160 11.07 0.62 8.35
N SER B 161 11.12 1.95 8.39
CA SER B 161 11.94 2.63 9.40
C SER B 161 11.37 2.36 10.79
N LEU B 162 10.05 2.33 10.92
CA LEU B 162 9.41 2.01 12.20
C LEU B 162 9.77 0.59 12.65
N THR B 163 9.70 -0.36 11.72
CA THR B 163 10.16 -1.72 11.99
C THR B 163 11.54 -1.69 12.62
N GLY B 164 11.74 -2.63 13.54
CA GLY B 164 12.98 -2.69 14.31
C GLY B 164 13.74 -4.00 14.13
N LEU B 165 13.74 -4.49 12.90
CA LEU B 165 14.42 -5.71 12.49
C LEU B 165 15.37 -5.38 11.35
N LYS B 166 16.58 -5.94 11.45
CA LYS B 166 17.70 -5.57 10.57
C LYS B 166 17.38 -5.78 9.10
N ALA B 167 16.63 -6.84 8.76
CA ALA B 167 16.43 -7.17 7.35
C ALA B 167 15.74 -6.05 6.60
N PHE B 168 14.95 -5.23 7.29
CA PHE B 168 14.18 -4.16 6.66
C PHE B 168 14.91 -2.85 6.67
N HIS B 169 16.13 -2.81 7.23
CA HIS B 169 16.96 -1.62 7.25
C HIS B 169 18.26 -1.77 6.47
N ASP B 170 18.98 -2.86 6.69
CA ASP B 170 20.33 -3.01 6.14
C ASP B 170 20.25 -2.93 4.61
N HIS B 171 21.18 -2.19 4.03
CA HIS B 171 21.30 -2.01 2.59
C HIS B 171 20.23 -1.06 2.04
N PHE B 172 19.29 -0.60 2.88
CA PHE B 172 18.29 0.36 2.45
C PHE B 172 18.46 1.74 3.07
N ASP B 173 19.49 1.95 3.87
CA ASP B 173 19.75 3.24 4.49
C ASP B 173 18.63 3.68 5.42
N LEU B 174 17.99 2.74 6.10
CA LEU B 174 16.92 3.05 7.03
C LEU B 174 17.41 2.81 8.45
N PRO B 175 16.80 3.44 9.46
CA PRO B 175 15.61 4.29 9.35
C PRO B 175 15.86 5.71 8.85
N ILE B 176 14.82 6.33 8.32
CA ILE B 176 14.85 7.74 7.98
C ILE B 176 14.93 8.57 9.26
N GLU B 177 15.19 9.87 9.09
CA GLU B 177 15.33 10.77 10.23
C GLU B 177 14.02 10.87 11.01
N GLY B 178 14.16 11.06 12.32
CA GLY B 178 13.03 11.31 13.18
C GLY B 178 12.39 10.08 13.77
N ILE B 179 12.90 8.88 13.49
CA ILE B 179 12.35 7.65 14.02
C ILE B 179 13.39 6.97 14.89
N LEU B 180 12.99 6.64 16.11
CA LEU B 180 13.89 6.10 17.13
C LEU B 180 13.40 4.72 17.56
N HIS B 181 14.29 3.95 18.17
CA HIS B 181 13.94 2.61 18.65
C HIS B 181 14.37 2.43 20.10
N THR B 182 13.40 2.21 20.98
CA THR B 182 13.65 1.92 22.38
C THR B 182 13.72 0.39 22.59
N GLU B 183 13.65 -0.07 23.83
CA GLU B 183 13.99 -1.44 24.16
C GLU B 183 13.00 -2.42 23.56
N ALA B 184 13.51 -3.58 23.12
CA ALA B 184 12.64 -4.65 22.70
C ALA B 184 11.84 -5.16 23.91
N PRO B 185 10.53 -5.33 23.79
CA PRO B 185 9.71 -5.78 24.92
C PRO B 185 9.77 -7.30 25.06
N TYR B 186 10.97 -7.81 25.37
CA TYR B 186 11.36 -9.19 25.06
C TYR B 186 12.20 -9.70 26.23
N TYR B 187 11.49 -10.17 27.25
CA TYR B 187 12.11 -10.57 28.51
C TYR B 187 13.20 -11.61 28.32
N TYR B 188 12.95 -12.61 27.47
CA TYR B 188 13.91 -13.70 27.32
C TYR B 188 15.23 -13.24 26.68
N HIS B 189 15.26 -12.08 26.05
CA HIS B 189 16.47 -11.55 25.45
C HIS B 189 17.17 -10.51 26.32
N ARG B 190 16.73 -10.32 27.57
CA ARG B 190 17.36 -9.31 28.39
C ARG B 190 18.83 -9.65 28.61
N GLY B 191 19.63 -8.63 28.88
CA GLY B 191 21.05 -8.85 29.04
C GLY B 191 21.35 -9.79 30.21
N ALA B 192 22.49 -10.48 30.10
CA ALA B 192 22.96 -11.29 31.21
C ALA B 192 23.06 -10.47 32.48
N GLU B 193 23.40 -9.19 32.36
CA GLU B 193 23.46 -8.31 33.52
C GLU B 193 22.10 -8.10 34.17
N ARG B 194 21.03 -8.50 33.50
CA ARG B 194 19.67 -8.36 34.03
C ARG B 194 19.00 -9.71 34.25
N GLU B 195 19.79 -10.77 34.39
CA GLU B 195 19.23 -12.11 34.59
C GLU B 195 18.28 -12.14 35.77
N GLY B 196 18.62 -11.43 36.84
CA GLY B 196 17.85 -11.51 38.06
C GLY B 196 16.55 -10.76 38.08
N MET B 197 16.26 -9.98 37.02
CA MET B 197 15.01 -9.26 36.95
C MET B 197 13.85 -10.22 36.77
N SER B 198 12.77 -9.99 37.54
CA SER B 198 11.48 -10.55 37.23
C SER B 198 10.90 -9.84 36.01
N GLU B 199 9.80 -10.38 35.49
CA GLU B 199 9.14 -9.71 34.38
C GLU B 199 8.72 -8.29 34.75
N ARG B 200 8.11 -8.11 35.94
CA ARG B 200 7.69 -6.77 36.35
C ARG B 200 8.89 -5.83 36.46
N GLU B 201 10.01 -6.32 36.98
CA GLU B 201 11.20 -5.50 37.05
C GLU B 201 11.70 -5.15 35.64
N PHE B 202 11.63 -6.09 34.71
CA PHE B 202 12.03 -5.81 33.34
C PHE B 202 11.10 -4.80 32.70
N SER B 203 9.80 -4.89 32.99
CA SER B 203 8.88 -3.88 32.49
C SER B 203 9.23 -2.50 33.03
N ALA B 204 9.51 -2.40 34.32
CA ALA B 204 9.92 -1.11 34.89
C ALA B 204 11.18 -0.60 34.20
N HIS B 205 12.12 -1.50 33.92
CA HIS B 205 13.33 -1.12 33.18
C HIS B 205 12.99 -0.57 31.80
N CYS B 206 12.08 -1.23 31.09
CA CYS B 206 11.68 -0.73 29.76
C CYS B 206 11.05 0.65 29.87
N ALA B 207 10.21 0.86 30.89
CA ALA B 207 9.58 2.17 31.05
C ALA B 207 10.62 3.21 31.41
N ALA B 208 11.60 2.84 32.23
CA ALA B 208 12.68 3.77 32.58
C ALA B 208 13.52 4.15 31.36
N LYS B 209 13.84 3.18 30.51
CA LYS B 209 14.62 3.48 29.30
C LYS B 209 13.84 4.37 28.34
N LEU B 210 12.51 4.16 28.25
CA LEU B 210 11.70 5.06 27.43
C LEU B 210 11.73 6.49 27.97
N GLU B 211 11.55 6.65 29.28
CA GLU B 211 11.63 7.98 29.88
C GLU B 211 13.01 8.60 29.64
N GLU B 212 14.06 7.81 29.81
CA GLU B 212 15.41 8.29 29.55
C GLU B 212 15.57 8.79 28.11
N MET B 213 15.04 8.03 27.15
CA MET B 213 15.10 8.46 25.75
C MET B 213 14.33 9.77 25.55
N ILE B 214 13.12 9.85 26.11
CA ILE B 214 12.29 11.04 25.90
C ILE B 214 12.98 12.26 26.50
N LEU B 215 13.54 12.12 27.69
CA LEU B 215 14.25 13.23 28.32
C LEU B 215 15.51 13.63 27.53
N ALA B 216 16.26 12.65 27.03
CA ALA B 216 17.47 12.97 26.26
C ALA B 216 17.14 13.65 24.94
N GLU B 217 16.05 13.24 24.30
CA GLU B 217 15.64 13.87 23.05
C GLU B 217 14.99 15.22 23.27
N GLY B 218 14.41 15.43 24.47
CA GLY B 218 13.57 16.58 24.75
C GLY B 218 12.11 16.24 24.52
N PRO B 219 11.30 16.21 25.58
CA PRO B 219 9.90 15.77 25.40
C PRO B 219 9.15 16.62 24.40
N GLU B 220 9.48 17.91 24.30
CA GLU B 220 8.86 18.81 23.34
C GLU B 220 9.15 18.41 21.90
N THR B 221 10.07 17.47 21.67
CA THR B 221 10.37 17.00 20.31
C THR B 221 9.81 15.61 20.02
N VAL B 222 9.15 14.97 20.99
CA VAL B 222 8.65 13.60 20.83
C VAL B 222 7.15 13.62 20.64
N ALA B 223 6.69 13.10 19.50
CA ALA B 223 5.27 13.15 19.13
C ALA B 223 4.50 11.87 19.42
N ALA B 224 5.11 10.70 19.20
CA ALA B 224 4.32 9.49 19.24
C ALA B 224 5.20 8.27 19.55
N PHE B 225 4.51 7.21 19.99
CA PHE B 225 5.07 5.90 20.28
C PHE B 225 4.19 4.88 19.58
N ILE B 226 4.80 3.93 18.87
CA ILE B 226 4.07 2.87 18.19
C ILE B 226 4.52 1.52 18.73
N GLY B 227 3.54 0.65 18.97
CA GLY B 227 3.82 -0.72 19.39
C GLY B 227 2.70 -1.69 19.08
N GLU B 228 3.09 -2.90 18.67
CA GLU B 228 2.18 -4.03 18.66
C GLU B 228 1.92 -4.48 20.10
N PRO B 229 0.68 -4.83 20.45
CA PRO B 229 0.46 -5.35 21.81
C PRO B 229 1.34 -6.53 22.13
N VAL B 230 1.48 -7.45 21.18
CA VAL B 230 2.33 -8.63 21.23
C VAL B 230 3.21 -8.56 19.99
N LEU B 231 4.53 -8.79 20.15
CA LEU B 231 5.38 -8.78 18.96
C LEU B 231 5.00 -9.96 18.06
N GLY B 232 4.77 -9.68 16.78
CA GLY B 232 4.53 -10.72 15.81
C GLY B 232 5.80 -11.18 15.12
N THR B 233 6.13 -10.56 13.99
CA THR B 233 7.29 -10.99 13.22
C THR B 233 8.59 -10.90 14.00
N GLY B 234 8.67 -10.01 15.00
CA GLY B 234 9.84 -9.94 15.86
C GLY B 234 9.98 -11.05 16.88
N GLY B 235 9.11 -12.05 16.87
CA GLY B 235 9.36 -13.27 17.63
C GLY B 235 8.18 -13.93 18.33
N ILE B 236 6.95 -13.41 18.15
CA ILE B 236 5.77 -13.90 18.84
C ILE B 236 5.99 -13.81 20.35
N VAL B 237 5.98 -12.58 20.84
CA VAL B 237 6.44 -12.25 22.19
C VAL B 237 5.34 -11.49 22.94
N PRO B 238 4.59 -12.16 23.80
CA PRO B 238 3.67 -11.43 24.65
C PRO B 238 4.41 -10.45 25.53
N PRO B 239 3.79 -9.34 25.89
CA PRO B 239 4.49 -8.35 26.69
C PRO B 239 4.75 -8.90 28.09
N PRO B 240 5.85 -8.48 28.72
CA PRO B 240 6.10 -8.89 30.11
C PRO B 240 5.12 -8.25 31.08
N GLU B 241 4.88 -8.94 32.18
CA GLU B 241 3.92 -8.48 33.18
C GLU B 241 4.22 -7.05 33.59
N GLY B 242 3.18 -6.21 33.55
CA GLY B 242 3.30 -4.81 33.91
C GLY B 242 3.72 -3.86 32.82
N TYR B 243 4.03 -4.36 31.63
CA TYR B 243 4.64 -3.55 30.58
C TYR B 243 3.72 -2.41 30.13
N TRP B 244 2.51 -2.76 29.70
CA TRP B 244 1.66 -1.73 29.09
C TRP B 244 1.19 -0.71 30.12
N GLU B 245 1.03 -1.11 31.38
N GLU B 245 1.05 -1.13 31.37
CA GLU B 245 0.68 -0.14 32.42
CA GLU B 245 0.70 -0.20 32.43
C GLU B 245 1.80 0.88 32.60
C GLU B 245 1.79 0.85 32.61
N ALA B 246 3.04 0.41 32.68
CA ALA B 246 4.15 1.33 32.91
C ALA B 246 4.41 2.21 31.72
N ILE B 247 4.37 1.65 30.50
CA ILE B 247 4.64 2.46 29.30
C ILE B 247 3.59 3.55 29.15
N GLN B 248 2.31 3.20 29.36
CA GLN B 248 1.27 4.22 29.17
C GLN B 248 1.40 5.37 30.16
N GLY B 249 1.87 5.12 31.38
CA GLY B 249 2.10 6.21 32.31
C GLY B 249 3.18 7.17 31.82
N VAL B 250 4.26 6.62 31.25
CA VAL B 250 5.32 7.48 30.72
C VAL B 250 4.82 8.30 29.54
N LEU B 251 4.02 7.69 28.65
CA LEU B 251 3.54 8.43 27.51
C LEU B 251 2.61 9.55 27.92
N ALA B 252 1.73 9.30 28.89
CA ALA B 252 0.87 10.38 29.38
C ALA B 252 1.68 11.47 30.05
N LYS B 253 2.69 11.08 30.81
CA LYS B 253 3.53 12.05 31.51
C LYS B 253 4.13 13.07 30.55
N TYR B 254 4.53 12.63 29.35
CA TYR B 254 5.23 13.49 28.39
C TYR B 254 4.38 13.88 27.20
N ASP B 255 3.07 13.62 27.23
CA ASP B 255 2.16 14.05 26.18
C ASP B 255 2.59 13.48 24.83
N VAL B 256 2.76 12.16 24.79
CA VAL B 256 3.15 11.43 23.59
C VAL B 256 1.96 10.57 23.14
N LEU B 257 1.60 10.67 21.86
CA LEU B 257 0.50 9.89 21.33
C LEU B 257 0.88 8.41 21.26
N LEU B 258 -0.12 7.56 21.40
CA LEU B 258 0.08 6.12 21.37
C LEU B 258 -0.60 5.53 20.14
N ILE B 259 0.19 4.89 19.29
CA ILE B 259 -0.32 4.13 18.16
C ILE B 259 -0.22 2.65 18.51
N ALA B 260 -1.37 1.96 18.56
CA ALA B 260 -1.38 0.51 18.73
C ALA B 260 -1.44 -0.14 17.35
N ASP B 261 -0.42 -0.92 17.02
CA ASP B 261 -0.38 -1.61 15.73
C ASP B 261 -1.03 -2.98 15.94
N GLU B 262 -2.30 -3.06 15.53
CA GLU B 262 -3.13 -4.26 15.70
C GLU B 262 -3.20 -5.09 14.43
N VAL B 263 -2.26 -4.94 13.52
CA VAL B 263 -2.37 -5.68 12.28
C VAL B 263 -2.40 -7.19 12.54
N VAL B 264 -1.58 -7.68 13.47
CA VAL B 264 -1.66 -9.12 13.79
C VAL B 264 -2.73 -9.40 14.85
N CYS B 265 -2.78 -8.63 15.93
CA CYS B 265 -3.65 -8.99 17.05
C CYS B 265 -5.11 -8.68 16.79
N GLY B 266 -5.43 -7.87 15.80
CA GLY B 266 -6.81 -7.43 15.62
C GLY B 266 -7.74 -8.54 15.18
N PHE B 267 -9.01 -8.38 15.56
CA PHE B 267 -10.11 -9.23 15.10
C PHE B 267 -10.00 -10.67 15.56
N GLY B 268 -9.67 -10.86 16.83
CA GLY B 268 -9.82 -12.13 17.52
C GLY B 268 -8.57 -12.94 17.74
N ARG B 269 -7.42 -12.52 17.20
CA ARG B 269 -6.26 -13.40 17.15
C ARG B 269 -5.81 -13.87 18.52
N ILE B 270 -5.84 -12.99 19.54
CA ILE B 270 -5.38 -13.42 20.86
C ILE B 270 -6.53 -13.66 21.83
N GLY B 271 -7.75 -13.84 21.33
CA GLY B 271 -8.88 -14.18 22.18
C GLY B 271 -9.68 -12.99 22.65
N ALA B 272 -9.37 -11.79 22.15
CA ALA B 272 -10.13 -10.58 22.38
C ALA B 272 -10.37 -9.92 21.03
N ASP B 273 -11.29 -8.98 20.99
CA ASP B 273 -11.52 -8.27 19.72
C ASP B 273 -10.26 -7.58 19.23
N PHE B 274 -9.49 -6.99 20.14
CA PHE B 274 -8.20 -6.40 19.85
C PHE B 274 -7.23 -6.72 20.98
N GLY B 275 -5.95 -6.81 20.64
CA GLY B 275 -4.93 -7.01 21.67
C GLY B 275 -4.99 -5.91 22.71
N SER B 276 -5.29 -4.69 22.28
CA SER B 276 -5.39 -3.58 23.23
C SER B 276 -6.44 -3.86 24.29
N HIS B 277 -7.54 -4.52 23.92
CA HIS B 277 -8.56 -4.85 24.92
C HIS B 277 -8.01 -5.80 25.97
N HIS B 278 -7.26 -6.80 25.53
CA HIS B 278 -6.72 -7.81 26.43
C HIS B 278 -5.72 -7.23 27.41
N TYR B 279 -4.89 -6.28 26.95
CA TYR B 279 -3.80 -5.74 27.75
C TYR B 279 -4.12 -4.36 28.33
N ALA B 280 -5.36 -3.91 28.22
CA ALA B 280 -5.78 -2.61 28.76
C ALA B 280 -4.95 -1.45 28.19
N ILE B 281 -4.76 -1.49 26.88
CA ILE B 281 -4.11 -0.41 26.14
C ILE B 281 -5.21 0.53 25.63
N LYS B 282 -5.00 1.83 25.82
CA LYS B 282 -5.94 2.86 25.39
C LYS B 282 -5.25 3.74 24.35
N PRO B 283 -5.21 3.32 23.10
CA PRO B 283 -4.44 4.04 22.09
C PRO B 283 -5.21 5.25 21.56
N ASP B 284 -4.44 6.15 20.95
CA ASP B 284 -4.99 7.28 20.23
C ASP B 284 -5.28 6.99 18.77
N LEU B 285 -4.54 6.03 18.21
CA LEU B 285 -4.59 5.63 16.80
C LEU B 285 -4.37 4.12 16.75
N ILE B 286 -5.06 3.43 15.84
CA ILE B 286 -4.95 1.97 15.70
C ILE B 286 -4.69 1.62 14.23
N THR B 287 -3.71 0.74 13.99
CA THR B 287 -3.45 0.24 12.64
C THR B 287 -4.06 -1.15 12.51
N ILE B 288 -4.79 -1.41 11.42
CA ILE B 288 -5.43 -2.71 11.20
C ILE B 288 -5.20 -3.18 9.77
N ALA B 289 -5.13 -4.51 9.60
CA ALA B 289 -5.10 -5.18 8.29
C ALA B 289 -5.36 -6.68 8.51
N LYS B 290 -4.66 -7.51 7.79
CA LYS B 290 -4.76 -8.97 7.93
C LYS B 290 -6.14 -9.59 8.31
N GLY B 291 -6.36 -9.81 9.60
CA GLY B 291 -7.62 -10.43 10.05
C GLY B 291 -8.86 -9.59 9.81
N LEU B 292 -8.69 -8.35 9.35
CA LEU B 292 -9.83 -7.53 8.93
C LEU B 292 -10.60 -8.20 7.80
N THR B 293 -9.89 -8.82 6.85
CA THR B 293 -10.56 -9.54 5.76
C THR B 293 -10.16 -11.00 5.69
N SER B 294 -9.35 -11.49 6.63
CA SER B 294 -8.75 -12.82 6.54
C SER B 294 -8.04 -13.03 5.22
N ALA B 295 -7.50 -11.95 4.65
CA ALA B 295 -6.71 -11.94 3.42
C ALA B 295 -7.53 -12.20 2.18
N TYR B 296 -8.86 -12.31 2.28
CA TYR B 296 -9.67 -12.58 1.09
C TYR B 296 -9.61 -11.42 0.10
N GLN B 297 -9.40 -10.20 0.59
CA GLN B 297 -9.14 -9.02 -0.21
C GLN B 297 -8.10 -8.20 0.54
N PRO B 298 -7.23 -7.49 -0.17
CA PRO B 298 -6.29 -6.57 0.50
C PRO B 298 -7.07 -5.38 1.06
N LEU B 299 -6.92 -5.14 2.35
CA LEU B 299 -7.58 -4.00 2.97
C LEU B 299 -6.87 -3.69 4.28
N SER B 300 -6.71 -2.40 4.54
CA SER B 300 -6.13 -1.93 5.78
C SER B 300 -6.97 -0.78 6.30
N GLY B 301 -6.74 -0.45 7.56
CA GLY B 301 -7.43 0.66 8.19
C GLY B 301 -6.56 1.39 9.18
N VAL B 302 -6.83 2.68 9.29
CA VAL B 302 -6.40 3.49 10.43
C VAL B 302 -7.66 3.84 11.17
N ILE B 303 -7.70 3.52 12.46
CA ILE B 303 -8.78 3.95 13.34
C ILE B 303 -8.27 5.15 14.14
N ILE B 304 -8.96 6.29 14.01
CA ILE B 304 -8.54 7.55 14.61
C ILE B 304 -9.39 7.79 15.85
N GLY B 305 -8.74 8.02 16.98
CA GLY B 305 -9.44 8.32 18.21
C GLY B 305 -9.96 9.74 18.29
N ASP B 306 -10.81 9.99 19.31
CA ASP B 306 -11.49 11.27 19.40
C ASP B 306 -10.51 12.43 19.46
N ARG B 307 -9.43 12.32 20.24
CA ARG B 307 -8.61 13.52 20.45
C ARG B 307 -7.79 13.88 19.21
N VAL B 308 -7.30 12.87 18.47
CA VAL B 308 -6.63 13.18 17.21
C VAL B 308 -7.65 13.68 16.19
N TRP B 309 -8.85 13.08 16.15
CA TRP B 309 -9.85 13.51 15.19
C TRP B 309 -10.18 14.98 15.37
N GLN B 310 -10.26 15.44 16.62
CA GLN B 310 -10.60 16.84 16.88
C GLN B 310 -9.60 17.78 16.20
N VAL B 311 -8.32 17.41 16.21
CA VAL B 311 -7.30 18.25 15.57
C VAL B 311 -7.34 18.11 14.05
N LEU B 312 -7.69 16.92 13.52
CA LEU B 312 -7.93 16.82 12.08
C LEU B 312 -9.06 17.74 11.65
N GLU B 313 -10.12 17.85 12.46
CA GLU B 313 -11.18 18.81 12.15
C GLU B 313 -10.66 20.24 12.21
N GLN B 314 -9.90 20.57 13.25
CA GLN B 314 -9.42 21.94 13.35
C GLN B 314 -8.54 22.29 12.16
N GLY B 315 -7.68 21.35 11.76
CA GLY B 315 -6.75 21.63 10.68
C GLY B 315 -7.43 21.77 9.33
N THR B 316 -8.41 20.90 9.05
CA THR B 316 -9.14 21.03 7.79
C THR B 316 -10.01 22.27 7.79
N GLY B 317 -10.51 22.67 8.96
CA GLY B 317 -11.21 23.93 9.04
C GLY B 317 -10.33 25.10 8.65
N GLU B 318 -9.04 25.02 9.00
CA GLU B 318 -8.11 26.10 8.70
C GLU B 318 -7.56 26.00 7.27
N PHE B 319 -7.26 24.79 6.80
CA PHE B 319 -6.46 24.61 5.60
C PHE B 319 -7.19 23.92 4.45
N GLY B 320 -8.39 23.40 4.69
CA GLY B 320 -9.16 22.75 3.63
C GLY B 320 -8.96 21.25 3.56
N PRO B 321 -9.42 20.66 2.48
CA PRO B 321 -9.37 19.19 2.37
C PRO B 321 -7.98 18.62 2.61
N ILE B 322 -7.94 17.48 3.27
CA ILE B 322 -6.67 16.89 3.69
C ILE B 322 -5.96 16.28 2.49
N GLY B 323 -4.68 16.58 2.36
CA GLY B 323 -3.85 16.11 1.26
C GLY B 323 -3.38 14.68 1.43
N HIS B 324 -4.31 13.75 1.33
CA HIS B 324 -4.02 12.34 1.51
C HIS B 324 -5.05 11.49 0.77
N GLY B 325 -4.55 10.49 0.03
CA GLY B 325 -5.46 9.55 -0.59
C GLY B 325 -4.71 8.46 -1.33
N TRP B 326 -5.28 7.26 -1.35
CA TRP B 326 -4.86 6.22 -2.27
C TRP B 326 -5.99 5.95 -3.25
N THR B 327 -5.64 5.70 -4.51
CA THR B 327 -6.66 5.49 -5.55
C THR B 327 -7.69 4.45 -5.14
N TYR B 328 -7.22 3.36 -4.52
CA TYR B 328 -8.10 2.24 -4.18
C TYR B 328 -8.64 2.29 -2.76
N SER B 329 -8.42 3.39 -2.05
CA SER B 329 -8.98 3.54 -0.71
C SER B 329 -10.48 3.29 -0.70
N GLY B 330 -10.91 2.38 0.17
CA GLY B 330 -12.32 2.11 0.34
C GLY B 330 -12.91 1.18 -0.69
N HIS B 331 -12.08 0.47 -1.44
CA HIS B 331 -12.53 -0.42 -2.52
C HIS B 331 -13.72 -1.28 -2.09
N ALA B 332 -14.78 -1.25 -2.90
CA ALA B 332 -16.04 -1.86 -2.47
C ALA B 332 -15.92 -3.37 -2.31
N LEU B 333 -15.12 -4.02 -3.14
CA LEU B 333 -14.97 -5.48 -2.99
C LEU B 333 -14.17 -5.81 -1.74
N GLY B 334 -13.19 -4.95 -1.42
CA GLY B 334 -12.46 -5.17 -0.18
C GLY B 334 -13.37 -5.01 1.03
N CYS B 335 -14.23 -3.99 1.00
CA CYS B 335 -15.14 -3.77 2.13
C CYS B 335 -16.20 -4.85 2.20
N ALA B 336 -16.67 -5.33 1.06
CA ALA B 336 -17.61 -6.45 1.09
C ALA B 336 -16.99 -7.68 1.73
N ALA B 337 -15.73 -7.99 1.38
CA ALA B 337 -15.06 -9.13 2.03
C ALA B 337 -14.90 -8.89 3.52
N GLY B 338 -14.58 -7.65 3.90
CA GLY B 338 -14.45 -7.32 5.31
C GLY B 338 -15.74 -7.61 6.07
N LEU B 339 -16.87 -7.18 5.51
CA LEU B 339 -18.15 -7.41 6.17
C LEU B 339 -18.44 -8.90 6.31
N ALA B 340 -18.21 -9.67 5.25
CA ALA B 340 -18.48 -11.11 5.32
C ALA B 340 -17.55 -11.77 6.34
N ASN B 341 -16.29 -11.36 6.35
CA ASN B 341 -15.32 -11.91 7.30
C ASN B 341 -15.75 -11.62 8.74
N LEU B 342 -16.07 -10.37 9.05
CA LEU B 342 -16.46 -10.03 10.42
C LEU B 342 -17.73 -10.73 10.83
N ALA B 343 -18.68 -10.91 9.90
CA ALA B 343 -19.92 -11.60 10.22
C ALA B 343 -19.66 -13.06 10.55
N ILE B 344 -18.73 -13.70 9.83
CA ILE B 344 -18.37 -15.09 10.13
C ILE B 344 -17.71 -15.19 11.49
N ILE B 345 -16.79 -14.28 11.82
CA ILE B 345 -16.14 -14.28 13.12
C ILE B 345 -17.17 -14.18 14.24
N GLU B 346 -18.17 -13.31 14.05
N GLU B 346 -18.14 -13.30 14.06
CA GLU B 346 -19.20 -13.13 15.07
CA GLU B 346 -19.21 -13.13 15.05
C GLU B 346 -20.12 -14.34 15.15
C GLU B 346 -20.08 -14.37 15.14
N ARG B 347 -20.61 -14.83 14.00
CA ARG B 347 -21.55 -15.93 13.99
C ARG B 347 -20.95 -17.20 14.59
N GLU B 348 -19.71 -17.51 14.23
CA GLU B 348 -19.07 -18.75 14.67
C GLU B 348 -18.34 -18.60 16.00
N GLY B 349 -18.41 -17.43 16.63
CA GLY B 349 -17.76 -17.23 17.90
C GLY B 349 -16.26 -17.47 17.84
N LEU B 350 -15.60 -16.96 16.81
CA LEU B 350 -14.20 -17.30 16.63
C LEU B 350 -13.28 -16.60 17.64
N THR B 351 -13.67 -15.42 18.14
CA THR B 351 -12.84 -14.77 19.16
C THR B 351 -12.80 -15.63 20.42
N ALA B 352 -13.94 -16.17 20.82
CA ALA B 352 -13.97 -17.09 21.96
C ALA B 352 -13.20 -18.37 21.67
N ASN B 353 -13.29 -18.90 20.44
CA ASN B 353 -12.50 -20.08 20.15
C ASN B 353 -11.02 -19.78 20.26
N ALA B 354 -10.61 -18.59 19.78
CA ALA B 354 -9.21 -18.21 19.88
C ALA B 354 -8.78 -18.12 21.34
N ALA B 355 -9.67 -17.66 22.22
CA ALA B 355 -9.34 -17.61 23.64
C ALA B 355 -9.28 -19.00 24.24
N GLU B 356 -10.28 -19.84 23.95
CA GLU B 356 -10.41 -21.13 24.60
C GLU B 356 -9.45 -22.16 24.01
N THR B 357 -9.51 -22.36 22.69
CA THR B 357 -8.57 -23.27 22.04
C THR B 357 -7.17 -22.70 22.06
N GLY B 358 -7.03 -21.37 22.07
CA GLY B 358 -5.72 -20.77 22.23
C GLY B 358 -5.10 -21.10 23.57
N ALA B 359 -5.88 -21.02 24.64
CA ALA B 359 -5.36 -21.42 25.94
C ALA B 359 -4.94 -22.89 25.93
N TYR B 360 -5.70 -23.72 25.21
CA TYR B 360 -5.34 -25.13 25.09
C TYR B 360 -4.03 -25.30 24.32
N LEU B 361 -3.86 -24.52 23.25
CA LEU B 361 -2.58 -24.49 22.52
C LEU B 361 -1.42 -24.17 23.46
N GLN B 362 -1.59 -23.14 24.30
CA GLN B 362 -0.51 -22.77 25.23
C GLN B 362 -0.20 -23.93 26.17
N GLN B 363 -1.23 -24.57 26.70
CA GLN B 363 -1.03 -25.69 27.62
C GLN B 363 -0.29 -26.83 26.93
N CYS B 364 -0.72 -27.17 25.71
CA CYS B 364 -0.06 -28.27 24.99
C CYS B 364 1.39 -27.93 24.69
N MET B 365 1.66 -26.67 24.30
CA MET B 365 3.02 -26.28 24.01
C MET B 365 3.88 -26.34 25.26
N GLN B 366 3.34 -25.88 26.40
CA GLN B 366 4.10 -25.94 27.64
C GLN B 366 4.39 -27.37 28.06
N GLN B 367 3.37 -28.25 27.93
CA GLN B 367 3.52 -29.62 28.39
C GLN B 367 4.48 -30.39 27.50
N THR B 368 4.45 -30.13 26.20
CA THR B 368 5.26 -30.89 25.26
C THR B 368 6.69 -30.38 25.21
N PHE B 369 6.87 -29.05 25.34
CA PHE B 369 8.16 -28.44 25.08
C PHE B 369 8.76 -27.71 26.28
N GLY B 370 8.04 -27.61 27.40
CA GLY B 370 8.52 -26.83 28.53
C GLY B 370 9.81 -27.34 29.12
N GLU B 371 10.11 -28.63 28.95
CA GLU B 371 11.36 -29.22 29.44
C GLU B 371 12.11 -29.92 28.31
N HIS B 372 11.89 -29.52 27.09
CA HIS B 372 12.55 -30.14 25.96
C HIS B 372 14.00 -29.65 25.88
N PRO B 373 14.96 -30.54 25.65
CA PRO B 373 16.37 -30.13 25.70
C PRO B 373 16.77 -29.05 24.70
N LEU B 374 15.99 -28.81 23.66
CA LEU B 374 16.35 -27.81 22.65
C LEU B 374 15.66 -26.46 22.88
N VAL B 375 14.71 -26.38 23.80
CA VAL B 375 13.79 -25.26 23.88
C VAL B 375 14.17 -24.36 25.05
N GLY B 376 14.62 -23.15 24.73
CA GLY B 376 14.91 -22.17 25.77
C GLY B 376 13.68 -21.47 26.31
N GLU B 377 12.67 -21.22 25.46
CA GLU B 377 11.44 -20.61 25.93
C GLU B 377 10.26 -21.07 25.09
N VAL B 378 9.18 -21.44 25.78
CA VAL B 378 7.86 -21.65 25.20
C VAL B 378 7.02 -20.45 25.60
N ARG B 379 6.38 -19.80 24.64
CA ARG B 379 5.62 -18.60 24.96
C ARG B 379 4.44 -18.47 24.00
N GLY B 380 3.51 -17.60 24.37
CA GLY B 380 2.40 -17.28 23.50
C GLY B 380 1.21 -16.78 24.29
N VAL B 381 0.16 -16.46 23.53
CA VAL B 381 -1.13 -16.02 24.07
C VAL B 381 -2.18 -16.23 22.97
N GLY B 382 -3.36 -16.67 23.36
CA GLY B 382 -4.39 -16.87 22.37
C GLY B 382 -3.91 -17.83 21.29
N MET B 383 -4.14 -17.46 20.02
N MET B 383 -4.14 -17.45 20.03
CA MET B 383 -3.73 -18.30 18.90
CA MET B 383 -3.74 -18.28 18.89
C MET B 383 -2.40 -17.85 18.31
C MET B 383 -2.40 -17.85 18.31
N LEU B 384 -1.48 -17.39 19.17
CA LEU B 384 -0.09 -17.15 18.83
C LEU B 384 0.77 -17.98 19.77
N ALA B 385 1.76 -18.68 19.23
CA ALA B 385 2.68 -19.42 20.08
C ALA B 385 4.04 -19.50 19.41
N ALA B 386 5.08 -19.71 20.22
CA ALA B 386 6.42 -19.83 19.67
C ALA B 386 7.32 -20.67 20.59
N LEU B 387 8.30 -21.31 19.95
CA LEU B 387 9.37 -22.05 20.61
C LEU B 387 10.68 -21.38 20.24
N GLU B 388 11.44 -20.93 21.22
CA GLU B 388 12.77 -20.36 20.96
C GLU B 388 13.80 -21.38 21.40
N PHE B 389 14.69 -21.78 20.47
CA PHE B 389 15.62 -22.85 20.70
C PHE B 389 16.94 -22.35 21.29
N SER B 390 17.61 -23.23 22.01
CA SER B 390 18.83 -22.85 22.72
C SER B 390 19.75 -24.05 22.80
N PRO B 391 21.07 -23.84 22.72
CA PRO B 391 22.01 -24.94 23.00
C PRO B 391 22.12 -25.27 24.48
N ALA B 392 21.58 -24.43 25.35
CA ALA B 392 21.61 -24.65 26.78
C ALA B 392 20.47 -23.85 27.41
N PRO B 393 19.26 -24.39 27.42
CA PRO B 393 18.10 -23.58 27.87
C PRO B 393 18.30 -22.86 29.19
N ALA B 394 19.03 -23.48 30.13
CA ALA B 394 19.16 -22.89 31.46
C ALA B 394 20.02 -21.63 31.46
N ARG B 395 20.89 -21.46 30.48
CA ARG B 395 21.71 -20.25 30.39
C ARG B 395 21.08 -19.18 29.51
N ARG B 396 19.88 -19.41 28.99
CA ARG B 396 19.31 -18.56 27.95
C ARG B 396 20.32 -18.37 26.84
N ALA B 397 21.08 -19.42 26.55
CA ALA B 397 22.10 -19.34 25.54
C ALA B 397 21.46 -19.32 24.15
N PHE B 398 22.17 -18.73 23.21
CA PHE B 398 21.72 -18.65 21.84
C PHE B 398 22.68 -19.39 20.94
N PHE B 399 22.12 -19.98 19.89
CA PHE B 399 22.92 -20.71 18.91
C PHE B 399 23.70 -19.74 18.04
N ASP B 400 24.84 -20.21 17.55
CA ASP B 400 25.49 -19.55 16.43
C ASP B 400 24.49 -19.47 15.28
N PRO B 401 24.19 -18.29 14.75
CA PRO B 401 23.20 -18.21 13.67
C PRO B 401 23.57 -19.05 12.47
N ALA B 402 24.86 -19.34 12.27
CA ALA B 402 25.32 -20.10 11.11
C ALA B 402 24.80 -21.53 11.13
N LEU B 403 24.42 -22.05 12.29
CA LEU B 403 23.85 -23.39 12.37
C LEU B 403 22.44 -23.44 11.79
N LYS B 404 21.77 -22.30 11.68
CA LYS B 404 20.44 -22.24 11.05
C LYS B 404 19.45 -23.16 11.75
N VAL B 405 19.45 -23.16 13.09
CA VAL B 405 18.58 -24.09 13.82
C VAL B 405 17.12 -23.82 13.52
N GLY B 406 16.69 -22.56 13.62
CA GLY B 406 15.31 -22.20 13.38
C GLY B 406 14.84 -22.64 12.01
N PRO B 407 15.55 -22.20 10.97
CA PRO B 407 15.15 -22.62 9.61
C PRO B 407 15.13 -24.13 9.45
N ARG B 408 16.06 -24.83 10.10
CA ARG B 408 16.08 -26.28 9.99
C ARG B 408 14.86 -26.92 10.64
N VAL B 409 14.46 -26.44 11.82
CA VAL B 409 13.27 -26.98 12.45
C VAL B 409 12.04 -26.71 11.58
N SER B 410 11.93 -25.50 11.02
CA SER B 410 10.80 -25.19 10.14
C SER B 410 10.78 -26.11 8.92
N ALA B 411 11.95 -26.40 8.36
CA ALA B 411 11.99 -27.31 7.21
C ALA B 411 11.61 -28.72 7.63
N ALA B 412 12.07 -29.17 8.81
CA ALA B 412 11.67 -30.49 9.30
C ALA B 412 10.16 -30.55 9.51
N ALA B 413 9.55 -29.46 9.98
CA ALA B 413 8.10 -29.43 10.12
C ALA B 413 7.42 -29.55 8.76
N MET B 414 7.97 -28.89 7.75
CA MET B 414 7.42 -29.00 6.40
C MET B 414 7.41 -30.46 5.96
N SER B 415 8.45 -31.22 6.32
CA SER B 415 8.53 -32.63 6.00
C SER B 415 7.44 -33.44 6.68
N GLU B 416 6.90 -32.96 7.79
CA GLU B 416 5.73 -33.53 8.45
C GLU B 416 4.44 -32.93 7.92
N ASN B 417 4.52 -32.16 6.83
CA ASN B 417 3.36 -31.48 6.23
C ASN B 417 2.73 -30.47 7.21
N LEU B 418 3.59 -29.80 7.97
CA LEU B 418 3.20 -28.69 8.84
C LEU B 418 3.95 -27.44 8.44
N ILE B 419 3.21 -26.36 8.17
CA ILE B 419 3.80 -25.04 7.95
C ILE B 419 3.86 -24.33 9.30
N ALA B 420 5.07 -24.03 9.77
CA ALA B 420 5.31 -23.24 10.96
C ALA B 420 6.57 -22.44 10.64
N ARG B 421 6.56 -21.16 10.94
N ARG B 421 6.55 -21.15 10.91
CA ARG B 421 7.54 -20.24 10.40
CA ARG B 421 7.54 -20.23 10.38
C ARG B 421 8.80 -20.18 11.23
C ARG B 421 8.81 -20.16 11.23
N ALA B 422 9.95 -20.17 10.56
CA ALA B 422 11.21 -19.82 11.21
C ALA B 422 11.23 -18.30 11.28
N MET B 423 11.19 -17.75 12.48
N MET B 423 11.23 -17.76 12.48
CA MET B 423 11.11 -16.31 12.62
CA MET B 423 11.12 -16.32 12.62
C MET B 423 12.47 -15.67 12.41
C MET B 423 12.49 -15.65 12.46
N PRO B 424 12.50 -14.40 11.99
CA PRO B 424 13.78 -13.75 11.70
C PRO B 424 14.58 -13.44 12.95
N GLN B 425 15.90 -13.34 12.75
CA GLN B 425 16.80 -12.77 13.75
C GLN B 425 16.79 -13.60 15.03
N GLY B 426 16.98 -14.89 14.86
CA GLY B 426 16.92 -15.81 15.98
C GLY B 426 16.59 -17.20 15.47
N ASP B 427 16.46 -18.11 16.43
CA ASP B 427 16.09 -19.51 16.17
C ASP B 427 14.76 -19.74 16.90
N ILE B 428 13.67 -19.50 16.19
CA ILE B 428 12.34 -19.45 16.79
C ILE B 428 11.39 -20.08 15.79
N LEU B 429 10.56 -21.03 16.25
CA LEU B 429 9.50 -21.61 15.44
C LEU B 429 8.20 -20.98 15.89
N GLY B 430 7.52 -20.31 14.95
CA GLY B 430 6.31 -19.56 15.25
C GLY B 430 5.04 -20.21 14.73
N PHE B 431 3.96 -20.00 15.48
CA PHE B 431 2.65 -20.55 15.18
C PHE B 431 1.60 -19.45 15.26
N ALA B 432 0.75 -19.39 14.23
CA ALA B 432 -0.38 -18.46 14.20
C ALA B 432 -1.49 -19.14 13.39
N PRO B 433 -2.06 -20.21 13.91
CA PRO B 433 -2.98 -21.00 13.10
C PRO B 433 -4.30 -20.28 12.91
N PRO B 434 -5.13 -20.72 11.96
CA PRO B 434 -6.45 -20.10 11.79
C PRO B 434 -7.26 -20.14 13.08
N LEU B 435 -8.14 -19.15 13.24
CA LEU B 435 -8.91 -19.06 14.47
C LEU B 435 -10.01 -20.11 14.57
N VAL B 436 -10.24 -20.85 13.47
CA VAL B 436 -11.18 -21.97 13.49
C VAL B 436 -10.55 -23.27 13.99
N THR B 437 -9.24 -23.27 14.28
CA THR B 437 -8.56 -24.50 14.65
C THR B 437 -9.22 -25.12 15.88
N THR B 438 -9.39 -26.44 15.84
CA THR B 438 -10.01 -27.18 16.94
C THR B 438 -8.93 -27.71 17.90
N ARG B 439 -9.38 -28.24 19.04
CA ARG B 439 -8.43 -28.85 19.98
C ARG B 439 -7.71 -30.05 19.35
N ALA B 440 -8.46 -30.89 18.61
CA ALA B 440 -7.83 -32.04 17.95
C ALA B 440 -6.81 -31.59 16.93
N GLU B 441 -7.09 -30.49 16.23
CA GLU B 441 -6.10 -29.95 15.28
C GLU B 441 -4.88 -29.40 16.00
N VAL B 442 -5.07 -28.74 17.15
CA VAL B 442 -3.93 -28.34 17.99
C VAL B 442 -3.06 -29.55 18.31
N ASP B 443 -3.69 -30.66 18.74
CA ASP B 443 -2.92 -31.83 19.09
C ASP B 443 -2.08 -32.32 17.91
N GLU B 444 -2.64 -32.27 16.70
CA GLU B 444 -1.89 -32.74 15.54
C GLU B 444 -0.78 -31.77 15.17
N ILE B 445 -1.03 -30.47 15.25
CA ILE B 445 0.02 -29.49 15.03
C ILE B 445 1.18 -29.73 15.99
N VAL B 446 0.87 -29.89 17.28
CA VAL B 446 1.91 -30.08 18.29
C VAL B 446 2.68 -31.36 18.03
N ALA B 447 1.97 -32.42 17.65
CA ALA B 447 2.64 -33.70 17.41
C ALA B 447 3.59 -33.61 16.21
N ARG B 448 3.18 -32.91 15.14
CA ARG B 448 4.06 -32.74 13.99
C ARG B 448 5.25 -31.86 14.35
N ALA B 449 5.02 -30.81 15.13
CA ALA B 449 6.12 -29.95 15.58
C ALA B 449 7.11 -30.73 16.43
N LYS B 450 6.61 -31.60 17.32
CA LYS B 450 7.51 -32.38 18.17
C LYS B 450 8.42 -33.27 17.34
N ARG B 451 7.87 -33.91 16.30
CA ARG B 451 8.70 -34.78 15.46
C ARG B 451 9.78 -33.95 14.79
N ALA B 452 9.44 -32.74 14.34
CA ALA B 452 10.42 -31.87 13.70
C ALA B 452 11.48 -31.41 14.69
N VAL B 453 11.06 -30.95 15.87
CA VAL B 453 12.01 -30.50 16.88
C VAL B 453 12.93 -31.64 17.29
N ASP B 454 12.37 -32.83 17.52
CA ASP B 454 13.17 -33.98 17.92
C ASP B 454 14.20 -34.35 16.85
N LYS B 455 13.81 -34.27 15.58
CA LYS B 455 14.73 -34.60 14.48
C LYS B 455 15.94 -33.69 14.50
N VAL B 456 15.73 -32.38 14.56
CA VAL B 456 16.86 -31.46 14.61
C VAL B 456 17.64 -31.62 15.91
N THR B 457 16.95 -31.90 17.02
CA THR B 457 17.67 -32.15 18.26
C THR B 457 18.65 -33.31 18.11
N ASP B 458 18.21 -34.39 17.47
CA ASP B 458 19.08 -35.54 17.29
C ASP B 458 20.28 -35.19 16.40
N GLU B 459 20.06 -34.36 15.37
CA GLU B 459 21.17 -33.94 14.52
C GLU B 459 22.18 -33.14 15.31
N LEU B 460 21.71 -32.21 16.13
CA LEU B 460 22.61 -31.34 16.87
C LEU B 460 23.29 -32.08 18.01
N THR B 461 22.60 -33.05 18.60
CA THR B 461 23.24 -33.88 19.61
C THR B 461 24.39 -34.66 18.99
N ARG B 462 24.15 -35.24 17.80
CA ARG B 462 25.18 -36.02 17.14
C ARG B 462 26.36 -35.16 16.73
N SER B 463 26.08 -33.96 16.21
CA SER B 463 27.16 -33.10 15.73
C SER B 463 27.87 -32.37 16.86
N GLY B 464 27.38 -32.47 18.10
CA GLY B 464 28.03 -31.83 19.22
C GLY B 464 27.72 -30.36 19.37
N ASP B 465 26.67 -29.87 18.72
CA ASP B 465 26.27 -28.47 18.81
C ASP B 465 25.31 -28.20 19.95
N LEU B 466 24.93 -29.21 20.72
CA LEU B 466 24.16 -28.99 21.94
C LEU B 466 25.09 -28.98 23.16
#